data_6QIV
# 
_entry.id   6QIV 
# 
_audit_conform.dict_name       mmcif_pdbx.dic 
_audit_conform.dict_version    5.383 
_audit_conform.dict_location   http://mmcif.pdb.org/dictionaries/ascii/mmcif_pdbx.dic 
# 
loop_
_database_2.database_id 
_database_2.database_code 
_database_2.pdbx_database_accession 
_database_2.pdbx_DOI 
PDB   6QIV         pdb_00006qiv 10.2210/pdb6qiv/pdb 
WWPDB D_1292100205 ?            ?                   
# 
loop_
_pdbx_audit_revision_history.ordinal 
_pdbx_audit_revision_history.data_content_type 
_pdbx_audit_revision_history.major_revision 
_pdbx_audit_revision_history.minor_revision 
_pdbx_audit_revision_history.revision_date 
1 'Structure model' 1 0 2019-09-25 
2 'Structure model' 1 1 2019-10-09 
3 'Structure model' 1 2 2019-11-20 
4 'Structure model' 1 3 2024-01-24 
# 
_pdbx_audit_revision_details.ordinal             1 
_pdbx_audit_revision_details.revision_ordinal    1 
_pdbx_audit_revision_details.data_content_type   'Structure model' 
_pdbx_audit_revision_details.provider            repository 
_pdbx_audit_revision_details.type                'Initial release' 
_pdbx_audit_revision_details.description         ? 
_pdbx_audit_revision_details.details             ? 
# 
loop_
_pdbx_audit_revision_group.ordinal 
_pdbx_audit_revision_group.revision_ordinal 
_pdbx_audit_revision_group.data_content_type 
_pdbx_audit_revision_group.group 
1 2 'Structure model' 'Data collection'        
2 2 'Structure model' 'Database references'    
3 3 'Structure model' 'Database references'    
4 4 'Structure model' 'Data collection'        
5 4 'Structure model' 'Database references'    
6 4 'Structure model' 'Refinement description' 
# 
loop_
_pdbx_audit_revision_category.ordinal 
_pdbx_audit_revision_category.revision_ordinal 
_pdbx_audit_revision_category.data_content_type 
_pdbx_audit_revision_category.category 
1 2 'Structure model' citation                      
2 3 'Structure model' citation                      
3 4 'Structure model' chem_comp_atom                
4 4 'Structure model' chem_comp_bond                
5 4 'Structure model' database_2                    
6 4 'Structure model' pdbx_initial_refinement_model 
# 
loop_
_pdbx_audit_revision_item.ordinal 
_pdbx_audit_revision_item.revision_ordinal 
_pdbx_audit_revision_item.data_content_type 
_pdbx_audit_revision_item.item 
1 2 'Structure model' '_citation.pdbx_database_id_DOI'      
2 2 'Structure model' '_citation.pdbx_database_id_PubMed'   
3 2 'Structure model' '_citation.title'                     
4 3 'Structure model' '_citation.journal_volume'            
5 3 'Structure model' '_citation.page_first'                
6 3 'Structure model' '_citation.page_last'                 
7 4 'Structure model' '_database_2.pdbx_DOI'                
8 4 'Structure model' '_database_2.pdbx_database_accession' 
# 
_pdbx_database_status.status_code                     REL 
_pdbx_database_status.status_code_sf                  REL 
_pdbx_database_status.status_code_mr                  ? 
_pdbx_database_status.entry_id                        6QIV 
_pdbx_database_status.recvd_initial_deposition_date   2019-01-21 
_pdbx_database_status.SG_entry                        N 
_pdbx_database_status.deposit_site                    PDBE 
_pdbx_database_status.process_site                    PDBE 
_pdbx_database_status.status_code_cs                  ? 
_pdbx_database_status.methods_development_category    ? 
_pdbx_database_status.pdb_format_compatible           Y 
_pdbx_database_status.status_code_nmr_data            ? 
# 
loop_
_pdbx_database_related.db_name 
_pdbx_database_related.details 
_pdbx_database_related.db_id 
_pdbx_database_related.content_type 
PDB . 6QIQ unspecified 
PDB . 6QIR unspecified 
PDB . 6QIS unspecified 
PDB . 6QIT unspecified 
# 
loop_
_audit_author.name 
_audit_author.pdbx_ordinal 
_audit_author.identifier_ORCID 
'Kiliszek, A.'   1 ? 
'Blaszczyk, L.'  2 ? 
'Rypniewski, W.' 3 ? 
'Nakatani, K.'   4 ? 
# 
_citation.abstract                  ? 
_citation.abstract_id_CAS           ? 
_citation.book_id_ISBN              ? 
_citation.book_publisher            ? 
_citation.book_publisher_city       ? 
_citation.book_title                ? 
_citation.coordinate_linkage        ? 
_citation.country                   UK 
_citation.database_id_Medline       ? 
_citation.details                   ? 
_citation.id                        primary 
_citation.journal_abbrev            'Nucleic Acids Res.' 
_citation.journal_id_ASTM           NARHAD 
_citation.journal_id_CSD            0389 
_citation.journal_id_ISSN           1362-4962 
_citation.journal_full              ? 
_citation.journal_issue             ? 
_citation.journal_volume            47 
_citation.language                  ? 
_citation.page_first                10906 
_citation.page_last                 10913 
_citation.title                     
'Structural insights into synthetic ligands targeting A-A pairs in disease-related CAG RNA repeats.' 
_citation.year                      2019 
_citation.database_id_CSD           ? 
_citation.pdbx_database_id_DOI      10.1093/nar/gkz832 
_citation.pdbx_database_id_PubMed   31566242 
_citation.unpublished_flag          ? 
# 
loop_
_citation_author.citation_id 
_citation_author.name 
_citation_author.ordinal 
_citation_author.identifier_ORCID 
primary 'Mukherjee, S.'    1 ? 
primary 'Blaszczyk, L.'    2 ? 
primary 'Rypniewski, W.'   3 ? 
primary 'Falschlunger, C.' 4 ? 
primary 'Micura, R.'       5 ? 
primary 'Murata, A.'       6 ? 
primary 'Dohno, C.'        7 ? 
primary 'Nakatani, K.'     8 ? 
primary 'Kiliszek, A.'     9 ? 
# 
loop_
_entity.id 
_entity.type 
_entity.src_method 
_entity.pdbx_description 
_entity.formula_weight 
_entity.pdbx_number_of_molecules 
_entity.pdbx_ec 
_entity.pdbx_mutation 
_entity.pdbx_fragment 
_entity.details 
1 polymer     syn 
;RNA (5'-R(*GP*CP*AP*GP*CP*AP*GP*C)-3')
;
2564.617 1 ? ? ? ? 
2 non-polymer syn CMBL4                                    517.560  1 ? ? ? ? 
3 water       nat water                                    18.015   1 ? ? ? ? 
# 
_entity_poly.entity_id                      1 
_entity_poly.type                           polyribonucleotide 
_entity_poly.nstd_linkage                   no 
_entity_poly.nstd_monomer                   no 
_entity_poly.pdbx_seq_one_letter_code       GCAGCAGC 
_entity_poly.pdbx_seq_one_letter_code_can   GCAGCAGC 
_entity_poly.pdbx_strand_id                 A 
_entity_poly.pdbx_target_identifier         ? 
# 
loop_
_pdbx_entity_nonpoly.entity_id 
_pdbx_entity_nonpoly.name 
_pdbx_entity_nonpoly.comp_id 
2 CMBL4 J4H 
3 water HOH 
# 
loop_
_entity_poly_seq.entity_id 
_entity_poly_seq.num 
_entity_poly_seq.mon_id 
_entity_poly_seq.hetero 
1 1 G n 
1 2 C n 
1 3 A n 
1 4 G n 
1 5 C n 
1 6 A n 
1 7 G n 
1 8 C n 
# 
_pdbx_entity_src_syn.entity_id              1 
_pdbx_entity_src_syn.pdbx_src_id            1 
_pdbx_entity_src_syn.pdbx_alt_source_flag   sample 
_pdbx_entity_src_syn.pdbx_beg_seq_num       1 
_pdbx_entity_src_syn.pdbx_end_seq_num       8 
_pdbx_entity_src_syn.organism_scientific    'Homo sapiens' 
_pdbx_entity_src_syn.organism_common_name   Human 
_pdbx_entity_src_syn.ncbi_taxonomy_id       9606 
_pdbx_entity_src_syn.details                ? 
# 
loop_
_chem_comp.id 
_chem_comp.type 
_chem_comp.mon_nstd_flag 
_chem_comp.name 
_chem_comp.pdbx_synonyms 
_chem_comp.formula 
_chem_comp.formula_weight 
A   'RNA linking' y "ADENOSINE-5'-MONOPHOSPHATE" ? 'C10 H14 N5 O7 P' 347.221 
C   'RNA linking' y "CYTIDINE-5'-MONOPHOSPHATE"  ? 'C9 H14 N3 O8 P'  323.197 
G   'RNA linking' y "GUANOSINE-5'-MONOPHOSPHATE" ? 'C10 H14 N5 O8 P' 363.221 
HOH non-polymer   . WATER                        ? 'H2 O'            18.015  
J4H non-polymer   . CMBL4                        ? 'C26 H29 N8 O4 1' 517.560 
# 
loop_
_pdbx_poly_seq_scheme.asym_id 
_pdbx_poly_seq_scheme.entity_id 
_pdbx_poly_seq_scheme.seq_id 
_pdbx_poly_seq_scheme.mon_id 
_pdbx_poly_seq_scheme.ndb_seq_num 
_pdbx_poly_seq_scheme.pdb_seq_num 
_pdbx_poly_seq_scheme.auth_seq_num 
_pdbx_poly_seq_scheme.pdb_mon_id 
_pdbx_poly_seq_scheme.auth_mon_id 
_pdbx_poly_seq_scheme.pdb_strand_id 
_pdbx_poly_seq_scheme.pdb_ins_code 
_pdbx_poly_seq_scheme.hetero 
A 1 1 G 1 1 1 G G A . n 
A 1 2 C 2 2 2 C C A . n 
A 1 3 A 3 3 3 A A A . n 
A 1 4 G 4 4 4 G G A . n 
A 1 5 C 5 5 5 C C A . n 
A 1 6 A 6 6 6 A A A . n 
A 1 7 G 7 7 7 G G A . n 
A 1 8 C 8 8 8 C C A . n 
# 
loop_
_pdbx_nonpoly_scheme.asym_id 
_pdbx_nonpoly_scheme.entity_id 
_pdbx_nonpoly_scheme.mon_id 
_pdbx_nonpoly_scheme.ndb_seq_num 
_pdbx_nonpoly_scheme.pdb_seq_num 
_pdbx_nonpoly_scheme.auth_seq_num 
_pdbx_nonpoly_scheme.pdb_mon_id 
_pdbx_nonpoly_scheme.auth_mon_id 
_pdbx_nonpoly_scheme.pdb_strand_id 
_pdbx_nonpoly_scheme.pdb_ins_code 
B 2 J4H 1 101 1 J4H C4B A . 
C 3 HOH 1 201 1 HOH HOH A . 
# 
loop_
_software.citation_id 
_software.classification 
_software.compiler_name 
_software.compiler_version 
_software.contact_author 
_software.contact_author_email 
_software.date 
_software.description 
_software.dependencies 
_software.hardware 
_software.language 
_software.location 
_software.mods 
_software.name 
_software.os 
_software.os_version 
_software.type 
_software.version 
_software.pdbx_ordinal 
? refinement       ? ? ? ? ? ? ? ? ? ? ? PHENIX ? ? ? 1.16_3549 1 
? refinement       ? ? ? ? ? ? ? ? ? ? ? PHENIX ? ? ? 1.16_3549 2 
? 'data reduction' ? ? ? ? ? ? ? ? ? ? ? XDS    ? ? ? .         3 
? 'data scaling'   ? ? ? ? ? ? ? ? ? ? ? XDS    ? ? ? .         4 
? phasing          ? ? ? ? ? ? ? ? ? ? ? PHASER ? ? ? .         5 
# 
_cell.angle_alpha                  90.000 
_cell.angle_alpha_esd              ? 
_cell.angle_beta                   90.000 
_cell.angle_beta_esd               ? 
_cell.angle_gamma                  90.000 
_cell.angle_gamma_esd              ? 
_cell.entry_id                     6QIV 
_cell.details                      ? 
_cell.formula_units_Z              ? 
_cell.length_a                     37.503 
_cell.length_a_esd                 ? 
_cell.length_b                     37.503 
_cell.length_b_esd                 ? 
_cell.length_c                     38.334 
_cell.length_c_esd                 ? 
_cell.volume                       53915.808 
_cell.volume_esd                   ? 
_cell.Z_PDB                        8 
_cell.reciprocal_angle_alpha       ? 
_cell.reciprocal_angle_beta        ? 
_cell.reciprocal_angle_gamma       ? 
_cell.reciprocal_angle_alpha_esd   ? 
_cell.reciprocal_angle_beta_esd    ? 
_cell.reciprocal_angle_gamma_esd   ? 
_cell.reciprocal_length_a          ? 
_cell.reciprocal_length_b          ? 
_cell.reciprocal_length_c          ? 
_cell.reciprocal_length_a_esd      ? 
_cell.reciprocal_length_b_esd      ? 
_cell.reciprocal_length_c_esd      ? 
_cell.pdbx_unique_axis             ? 
# 
_symmetry.entry_id                         6QIV 
_symmetry.cell_setting                     ? 
_symmetry.Int_Tables_number                94 
_symmetry.space_group_name_Hall            'P 4n 2n' 
_symmetry.space_group_name_H-M             'P 42 21 2' 
_symmetry.pdbx_full_space_group_name_H-M   ? 
# 
_exptl.absorpt_coefficient_mu     ? 
_exptl.absorpt_correction_T_max   ? 
_exptl.absorpt_correction_T_min   ? 
_exptl.absorpt_correction_type    ? 
_exptl.absorpt_process_details    ? 
_exptl.entry_id                   6QIV 
_exptl.crystals_number            1 
_exptl.details                    ? 
_exptl.method                     'X-RAY DIFFRACTION' 
_exptl.method_details             ? 
# 
_exptl_crystal.colour                      ? 
_exptl_crystal.density_diffrn              ? 
_exptl_crystal.density_Matthews            2.63 
_exptl_crystal.density_method              ? 
_exptl_crystal.density_percent_sol         53.20 
_exptl_crystal.description                 ? 
_exptl_crystal.F_000                       ? 
_exptl_crystal.id                          1 
_exptl_crystal.preparation                 ? 
_exptl_crystal.size_max                    ? 
_exptl_crystal.size_mid                    ? 
_exptl_crystal.size_min                    ? 
_exptl_crystal.size_rad                    ? 
_exptl_crystal.colour_lustre               ? 
_exptl_crystal.colour_modifier             ? 
_exptl_crystal.colour_primary              ? 
_exptl_crystal.density_meas                ? 
_exptl_crystal.density_meas_esd            ? 
_exptl_crystal.density_meas_gt             ? 
_exptl_crystal.density_meas_lt             ? 
_exptl_crystal.density_meas_temp           ? 
_exptl_crystal.density_meas_temp_esd       ? 
_exptl_crystal.density_meas_temp_gt        ? 
_exptl_crystal.density_meas_temp_lt        ? 
_exptl_crystal.pdbx_crystal_image_url      ? 
_exptl_crystal.pdbx_crystal_image_format   ? 
_exptl_crystal.pdbx_mosaicity              ? 
_exptl_crystal.pdbx_mosaicity_esd          ? 
# 
_exptl_crystal_grow.apparatus       ? 
_exptl_crystal_grow.atmosphere      ? 
_exptl_crystal_grow.crystal_id      1 
_exptl_crystal_grow.details         ? 
_exptl_crystal_grow.method          'VAPOR DIFFUSION, SITTING DROP' 
_exptl_crystal_grow.method_ref      ? 
_exptl_crystal_grow.pH              7.0 
_exptl_crystal_grow.pressure        ? 
_exptl_crystal_grow.pressure_esd    ? 
_exptl_crystal_grow.seeding         ? 
_exptl_crystal_grow.seeding_ref     ? 
_exptl_crystal_grow.temp            292 
_exptl_crystal_grow.temp_details    ? 
_exptl_crystal_grow.temp_esd        ? 
_exptl_crystal_grow.time            ? 
_exptl_crystal_grow.pdbx_details    '2 mM MgCl2, Tacsimate and 5 mM hexamine cobalt chloride' 
_exptl_crystal_grow.pdbx_pH_range   ? 
# 
_diffrn.ambient_environment              ? 
_diffrn.ambient_temp                     100 
_diffrn.ambient_temp_details             ? 
_diffrn.ambient_temp_esd                 ? 
_diffrn.crystal_id                       1 
_diffrn.crystal_support                  ? 
_diffrn.crystal_treatment                ? 
_diffrn.details                          ? 
_diffrn.id                               1 
_diffrn.ambient_pressure                 ? 
_diffrn.ambient_pressure_esd             ? 
_diffrn.ambient_pressure_gt              ? 
_diffrn.ambient_pressure_lt              ? 
_diffrn.ambient_temp_gt                  ? 
_diffrn.ambient_temp_lt                  ? 
_diffrn.pdbx_serial_crystal_experiment   N 
# 
_diffrn_detector.details                      ? 
_diffrn_detector.detector                     PIXEL 
_diffrn_detector.diffrn_id                    1 
_diffrn_detector.type                         'DECTRIS PILATUS3 S 6M' 
_diffrn_detector.area_resol_mean              ? 
_diffrn_detector.dtime                        ? 
_diffrn_detector.pdbx_frames_total            ? 
_diffrn_detector.pdbx_collection_time_total   ? 
_diffrn_detector.pdbx_collection_date         2018-03-25 
_diffrn_detector.pdbx_frequency               ? 
# 
_diffrn_radiation.collimation                      ? 
_diffrn_radiation.diffrn_id                        1 
_diffrn_radiation.filter_edge                      ? 
_diffrn_radiation.inhomogeneity                    ? 
_diffrn_radiation.monochromator                    ? 
_diffrn_radiation.polarisn_norm                    ? 
_diffrn_radiation.polarisn_ratio                   ? 
_diffrn_radiation.probe                            ? 
_diffrn_radiation.type                             ? 
_diffrn_radiation.xray_symbol                      ? 
_diffrn_radiation.wavelength_id                    1 
_diffrn_radiation.pdbx_monochromatic_or_laue_m_l   M 
_diffrn_radiation.pdbx_wavelength_list             ? 
_diffrn_radiation.pdbx_wavelength                  ? 
_diffrn_radiation.pdbx_diffrn_protocol             'SINGLE WAVELENGTH' 
_diffrn_radiation.pdbx_analyzer                    ? 
_diffrn_radiation.pdbx_scattering_type             x-ray 
# 
_diffrn_radiation_wavelength.id           1 
_diffrn_radiation_wavelength.wavelength   0.9184 
_diffrn_radiation_wavelength.wt           1.0 
# 
_diffrn_source.current                     ? 
_diffrn_source.details                     ? 
_diffrn_source.diffrn_id                   1 
_diffrn_source.power                       ? 
_diffrn_source.size                        ? 
_diffrn_source.source                      SYNCHROTRON 
_diffrn_source.target                      ? 
_diffrn_source.type                        'BESSY BEAMLINE 14.1' 
_diffrn_source.voltage                     ? 
_diffrn_source.take-off_angle              ? 
_diffrn_source.pdbx_wavelength_list        0.9184 
_diffrn_source.pdbx_wavelength             ? 
_diffrn_source.pdbx_synchrotron_beamline   14.1 
_diffrn_source.pdbx_synchrotron_site       BESSY 
# 
_reflns.B_iso_Wilson_estimate            50.3 
_reflns.entry_id                         6QIV 
_reflns.data_reduction_details           ? 
_reflns.data_reduction_method            ? 
_reflns.d_resolution_high                2.28 
_reflns.d_resolution_low                 26.81 
_reflns.details                          ? 
_reflns.limit_h_max                      ? 
_reflns.limit_h_min                      ? 
_reflns.limit_k_max                      ? 
_reflns.limit_k_min                      ? 
_reflns.limit_l_max                      ? 
_reflns.limit_l_min                      ? 
_reflns.number_all                       ? 
_reflns.number_obs                       1430 
_reflns.observed_criterion               ? 
_reflns.observed_criterion_F_max         ? 
_reflns.observed_criterion_F_min         ? 
_reflns.observed_criterion_I_max         ? 
_reflns.observed_criterion_I_min         ? 
_reflns.observed_criterion_sigma_F       ? 
_reflns.observed_criterion_sigma_I       ? 
_reflns.percent_possible_obs             99.8 
_reflns.R_free_details                   ? 
_reflns.Rmerge_F_all                     ? 
_reflns.Rmerge_F_obs                     ? 
_reflns.Friedel_coverage                 ? 
_reflns.number_gt                        ? 
_reflns.threshold_expression             ? 
_reflns.pdbx_redundancy                  8.2 
_reflns.pdbx_Rmerge_I_obs                0.095 
_reflns.pdbx_Rmerge_I_all                ? 
_reflns.pdbx_Rsym_value                  ? 
_reflns.pdbx_netI_over_av_sigmaI         ? 
_reflns.pdbx_netI_over_sigmaI            13.2 
_reflns.pdbx_res_netI_over_av_sigmaI_2   ? 
_reflns.pdbx_res_netI_over_sigmaI_2      ? 
_reflns.pdbx_chi_squared                 ? 
_reflns.pdbx_scaling_rejects             ? 
_reflns.pdbx_d_res_high_opt              ? 
_reflns.pdbx_d_res_low_opt               ? 
_reflns.pdbx_d_res_opt_method            ? 
_reflns.phase_calculation_details        ? 
_reflns.pdbx_Rrim_I_all                  ? 
_reflns.pdbx_Rpim_I_all                  ? 
_reflns.pdbx_d_opt                       ? 
_reflns.pdbx_number_measured_all         ? 
_reflns.pdbx_diffrn_id                   1 
_reflns.pdbx_ordinal                     1 
_reflns.pdbx_CC_half                     0.99 
_reflns.pdbx_R_split                     ? 
# 
_reflns_shell.d_res_high                  2.28 
_reflns_shell.d_res_low                   2.42 
_reflns_shell.meanI_over_sigI_all         ? 
_reflns_shell.meanI_over_sigI_obs         2.7 
_reflns_shell.number_measured_all         ? 
_reflns_shell.number_measured_obs         ? 
_reflns_shell.number_possible             ? 
_reflns_shell.number_unique_all           ? 
_reflns_shell.number_unique_obs           223 
_reflns_shell.percent_possible_all        100.0 
_reflns_shell.percent_possible_obs        ? 
_reflns_shell.Rmerge_F_all                ? 
_reflns_shell.Rmerge_F_obs                ? 
_reflns_shell.Rmerge_I_all                ? 
_reflns_shell.Rmerge_I_obs                0.679 
_reflns_shell.meanI_over_sigI_gt          ? 
_reflns_shell.meanI_over_uI_all           ? 
_reflns_shell.meanI_over_uI_gt            ? 
_reflns_shell.number_measured_gt          ? 
_reflns_shell.number_unique_gt            ? 
_reflns_shell.percent_possible_gt         ? 
_reflns_shell.Rmerge_F_gt                 ? 
_reflns_shell.Rmerge_I_gt                 ? 
_reflns_shell.pdbx_redundancy             9.0 
_reflns_shell.pdbx_Rsym_value             ? 
_reflns_shell.pdbx_chi_squared            ? 
_reflns_shell.pdbx_netI_over_sigmaI_all   ? 
_reflns_shell.pdbx_netI_over_sigmaI_obs   ? 
_reflns_shell.pdbx_Rrim_I_all             ? 
_reflns_shell.pdbx_Rpim_I_all             ? 
_reflns_shell.pdbx_rejects                ? 
_reflns_shell.pdbx_ordinal                1 
_reflns_shell.pdbx_diffrn_id              1 
_reflns_shell.pdbx_CC_half                0.997 
_reflns_shell.pdbx_R_split                ? 
# 
_refine.aniso_B[1][1]                            ? 
_refine.aniso_B[1][2]                            ? 
_refine.aniso_B[1][3]                            ? 
_refine.aniso_B[2][2]                            ? 
_refine.aniso_B[2][3]                            ? 
_refine.aniso_B[3][3]                            ? 
_refine.B_iso_max                                ? 
_refine.B_iso_mean                               44.21 
_refine.B_iso_min                                ? 
_refine.correlation_coeff_Fo_to_Fc               ? 
_refine.correlation_coeff_Fo_to_Fc_free          ? 
_refine.details                                  ? 
_refine.diff_density_max                         ? 
_refine.diff_density_max_esd                     ? 
_refine.diff_density_min                         ? 
_refine.diff_density_min_esd                     ? 
_refine.diff_density_rms                         ? 
_refine.diff_density_rms_esd                     ? 
_refine.entry_id                                 6QIV 
_refine.pdbx_refine_id                           'X-RAY DIFFRACTION' 
_refine.ls_abs_structure_details                 ? 
_refine.ls_abs_structure_Flack                   ? 
_refine.ls_abs_structure_Flack_esd               ? 
_refine.ls_abs_structure_Rogers                  ? 
_refine.ls_abs_structure_Rogers_esd              ? 
_refine.ls_d_res_high                            2.28 
_refine.ls_d_res_low                             26.8 
_refine.ls_extinction_coef                       ? 
_refine.ls_extinction_coef_esd                   ? 
_refine.ls_extinction_expression                 ? 
_refine.ls_extinction_method                     ? 
_refine.ls_goodness_of_fit_all                   ? 
_refine.ls_goodness_of_fit_all_esd               ? 
_refine.ls_goodness_of_fit_obs                   ? 
_refine.ls_goodness_of_fit_obs_esd               ? 
_refine.ls_hydrogen_treatment                    ? 
_refine.ls_matrix_type                           ? 
_refine.ls_number_constraints                    ? 
_refine.ls_number_parameters                     ? 
_refine.ls_number_reflns_all                     ? 
_refine.ls_number_reflns_obs                     1427 
_refine.ls_number_reflns_R_free                  143 
_refine.ls_number_reflns_R_work                  ? 
_refine.ls_number_restraints                     ? 
_refine.ls_percent_reflns_obs                    99.65 
_refine.ls_percent_reflns_R_free                 10.02 
_refine.ls_R_factor_all                          ? 
_refine.ls_R_factor_obs                          0.2046 
_refine.ls_R_factor_R_free                       0.2537 
_refine.ls_R_factor_R_free_error                 ? 
_refine.ls_R_factor_R_free_error_details         ? 
_refine.ls_R_factor_R_work                       0.1988 
_refine.ls_R_Fsqd_factor_obs                     ? 
_refine.ls_R_I_factor_obs                        ? 
_refine.ls_redundancy_reflns_all                 ? 
_refine.ls_redundancy_reflns_obs                 ? 
_refine.ls_restrained_S_all                      ? 
_refine.ls_restrained_S_obs                      ? 
_refine.ls_shift_over_esd_max                    ? 
_refine.ls_shift_over_esd_mean                   ? 
_refine.ls_structure_factor_coef                 ? 
_refine.ls_weighting_details                     ? 
_refine.ls_weighting_scheme                      ? 
_refine.ls_wR_factor_all                         ? 
_refine.ls_wR_factor_obs                         ? 
_refine.ls_wR_factor_R_free                      ? 
_refine.ls_wR_factor_R_work                      ? 
_refine.occupancy_max                            ? 
_refine.occupancy_min                            ? 
_refine.solvent_model_details                    ? 
_refine.solvent_model_param_bsol                 ? 
_refine.solvent_model_param_ksol                 ? 
_refine.ls_R_factor_gt                           ? 
_refine.ls_goodness_of_fit_gt                    ? 
_refine.ls_goodness_of_fit_ref                   ? 
_refine.ls_shift_over_su_max                     ? 
_refine.ls_shift_over_su_max_lt                  ? 
_refine.ls_shift_over_su_mean                    ? 
_refine.ls_shift_over_su_mean_lt                 ? 
_refine.pdbx_ls_sigma_I                          ? 
_refine.pdbx_ls_sigma_F                          1.36 
_refine.pdbx_ls_sigma_Fsqd                       ? 
_refine.pdbx_data_cutoff_high_absF               ? 
_refine.pdbx_data_cutoff_high_rms_absF           ? 
_refine.pdbx_data_cutoff_low_absF                ? 
_refine.pdbx_isotropic_thermal_model             ? 
_refine.pdbx_ls_cross_valid_method               'FREE R-VALUE' 
_refine.pdbx_method_to_determine_struct          'MOLECULAR REPLACEMENT' 
_refine.pdbx_starting_model                      6QIQ 
_refine.pdbx_stereochemistry_target_values       ? 
_refine.pdbx_R_Free_selection_details            ? 
_refine.pdbx_stereochem_target_val_spec_case     ? 
_refine.pdbx_overall_ESU_R                       ? 
_refine.pdbx_overall_ESU_R_Free                  ? 
_refine.pdbx_solvent_vdw_probe_radii             1.1100 
_refine.pdbx_solvent_ion_probe_radii             ? 
_refine.pdbx_solvent_shrinkage_radii             0.9000 
_refine.pdbx_real_space_R                        ? 
_refine.pdbx_density_correlation                 ? 
_refine.pdbx_pd_number_of_powder_patterns        ? 
_refine.pdbx_pd_number_of_points                 ? 
_refine.pdbx_pd_meas_number_of_points            ? 
_refine.pdbx_pd_proc_ls_prof_R_factor            ? 
_refine.pdbx_pd_proc_ls_prof_wR_factor           ? 
_refine.pdbx_pd_Marquardt_correlation_coeff      ? 
_refine.pdbx_pd_Fsqrd_R_factor                   ? 
_refine.pdbx_pd_ls_matrix_band_width             ? 
_refine.pdbx_overall_phase_error                 23.2672 
_refine.pdbx_overall_SU_R_free_Cruickshank_DPI   ? 
_refine.pdbx_overall_SU_R_free_Blow_DPI          ? 
_refine.pdbx_overall_SU_R_Blow_DPI               ? 
_refine.pdbx_TLS_residual_ADP_flag               ? 
_refine.pdbx_diffrn_id                           1 
_refine.overall_SU_B                             ? 
_refine.overall_SU_ML                            0.0797 
_refine.overall_SU_R_Cruickshank_DPI             ? 
_refine.overall_SU_R_free                        ? 
_refine.overall_FOM_free_R_set                   ? 
_refine.overall_FOM_work_R_set                   ? 
_refine.pdbx_average_fsc_overall                 ? 
_refine.pdbx_average_fsc_work                    ? 
_refine.pdbx_average_fsc_free                    ? 
# 
_refine_hist.pdbx_refine_id                   'X-RAY DIFFRACTION' 
_refine_hist.cycle_id                         LAST 
_refine_hist.details                          ? 
_refine_hist.d_res_high                       2.28 
_refine_hist.d_res_low                        26.8 
_refine_hist.number_atoms_solvent             1 
_refine_hist.number_atoms_total               209 
_refine_hist.number_reflns_all                ? 
_refine_hist.number_reflns_obs                ? 
_refine_hist.number_reflns_R_free             ? 
_refine_hist.number_reflns_R_work             ? 
_refine_hist.R_factor_all                     ? 
_refine_hist.R_factor_obs                     ? 
_refine_hist.R_factor_R_free                  ? 
_refine_hist.R_factor_R_work                  ? 
_refine_hist.pdbx_number_residues_total       ? 
_refine_hist.pdbx_B_iso_mean_ligand           ? 
_refine_hist.pdbx_B_iso_mean_solvent          ? 
_refine_hist.pdbx_number_atoms_protein        0 
_refine_hist.pdbx_number_atoms_nucleic_acid   170 
_refine_hist.pdbx_number_atoms_ligand         38 
_refine_hist.pdbx_number_atoms_lipid          ? 
_refine_hist.pdbx_number_atoms_carb           ? 
_refine_hist.pdbx_pseudo_atom_details         ? 
# 
loop_
_refine_ls_restr.pdbx_refine_id 
_refine_ls_restr.criterion 
_refine_ls_restr.dev_ideal 
_refine_ls_restr.dev_ideal_target 
_refine_ls_restr.number 
_refine_ls_restr.rejects 
_refine_ls_restr.type 
_refine_ls_restr.weight 
_refine_ls_restr.pdbx_restraint_function 
'X-RAY DIFFRACTION' ? 0.0085  ? 232 ? f_bond_d           ? ? 
'X-RAY DIFFRACTION' ? 1.6582  ? 351 ? f_angle_d          ? ? 
'X-RAY DIFFRACTION' ? 0.0541  ? 39  ? f_chiral_restr     ? ? 
'X-RAY DIFFRACTION' ? 0.0079  ? 40  ? f_plane_restr      ? ? 
'X-RAY DIFFRACTION' ? 12.2705 ? 134 ? f_dihedral_angle_d ? ? 
# 
_refine_ls_shell.pdbx_refine_id                   'X-RAY DIFFRACTION' 
_refine_ls_shell.d_res_high                       2.28 
_refine_ls_shell.d_res_low                        26.81 
_refine_ls_shell.number_reflns_all                ? 
_refine_ls_shell.number_reflns_obs                ? 
_refine_ls_shell.number_reflns_R_free             143 
_refine_ls_shell.number_reflns_R_work             1284 
_refine_ls_shell.percent_reflns_obs               99.65 
_refine_ls_shell.percent_reflns_R_free            ? 
_refine_ls_shell.R_factor_all                     ? 
_refine_ls_shell.R_factor_obs                     ? 
_refine_ls_shell.R_factor_R_free                  0.2537 
_refine_ls_shell.R_factor_R_free_error            ? 
_refine_ls_shell.R_factor_R_work                  0.1988 
_refine_ls_shell.redundancy_reflns_all            ? 
_refine_ls_shell.redundancy_reflns_obs            ? 
_refine_ls_shell.wR_factor_all                    ? 
_refine_ls_shell.wR_factor_obs                    ? 
_refine_ls_shell.wR_factor_R_free                 ? 
_refine_ls_shell.wR_factor_R_work                 ? 
_refine_ls_shell.pdbx_total_number_of_bins_used   ? 
_refine_ls_shell.pdbx_phase_error                 ? 
_refine_ls_shell.pdbx_fsc_work                    ? 
_refine_ls_shell.pdbx_fsc_free                    ? 
# 
_struct.entry_id                     6QIV 
_struct.title                        'Crystal structure of seleno-derivative CAG repeats with synthetic CMBL4 compound' 
_struct.pdbx_model_details           ? 
_struct.pdbx_formula_weight          ? 
_struct.pdbx_formula_weight_method   ? 
_struct.pdbx_model_type_details      ? 
_struct.pdbx_CASP_flag               N 
# 
_struct_keywords.entry_id        6QIV 
_struct_keywords.text            'CAG repeats, CMBL, RNA complex with ligand, RNA' 
_struct_keywords.pdbx_keywords   RNA 
# 
loop_
_struct_asym.id 
_struct_asym.pdbx_blank_PDB_chainid_flag 
_struct_asym.pdbx_modified 
_struct_asym.entity_id 
_struct_asym.details 
A N N 1 ? 
B N N 2 ? 
C N N 3 ? 
# 
_struct_ref.id                         1 
_struct_ref.db_name                    PDB 
_struct_ref.db_code                    6QIV 
_struct_ref.pdbx_db_accession          6QIV 
_struct_ref.pdbx_db_isoform            ? 
_struct_ref.entity_id                  1 
_struct_ref.pdbx_seq_one_letter_code   ? 
_struct_ref.pdbx_align_begin           1 
# 
_struct_ref_seq.align_id                      1 
_struct_ref_seq.ref_id                        1 
_struct_ref_seq.pdbx_PDB_id_code              6QIV 
_struct_ref_seq.pdbx_strand_id                A 
_struct_ref_seq.seq_align_beg                 1 
_struct_ref_seq.pdbx_seq_align_beg_ins_code   ? 
_struct_ref_seq.seq_align_end                 8 
_struct_ref_seq.pdbx_seq_align_end_ins_code   ? 
_struct_ref_seq.pdbx_db_accession             6QIV 
_struct_ref_seq.db_align_beg                  1 
_struct_ref_seq.pdbx_db_align_beg_ins_code    ? 
_struct_ref_seq.db_align_end                  8 
_struct_ref_seq.pdbx_db_align_end_ins_code    ? 
_struct_ref_seq.pdbx_auth_seq_align_beg       1 
_struct_ref_seq.pdbx_auth_seq_align_end       8 
# 
_pdbx_struct_assembly.id                   1 
_pdbx_struct_assembly.details              author_defined_assembly 
_pdbx_struct_assembly.method_details       ? 
_pdbx_struct_assembly.oligomeric_details   dimeric 
_pdbx_struct_assembly.oligomeric_count     2 
# 
loop_
_pdbx_struct_assembly_gen.assembly_id 
_pdbx_struct_assembly_gen.oper_expression 
_pdbx_struct_assembly_gen.asym_id_list 
1 1 A,B,C 
1 2 A,B,C 
# 
_pdbx_struct_assembly_auth_evidence.id                     1 
_pdbx_struct_assembly_auth_evidence.assembly_id            1 
_pdbx_struct_assembly_auth_evidence.experimental_support   none 
_pdbx_struct_assembly_auth_evidence.details                ? 
# 
loop_
_pdbx_struct_oper_list.id 
_pdbx_struct_oper_list.type 
_pdbx_struct_oper_list.name 
_pdbx_struct_oper_list.symmetry_operation 
_pdbx_struct_oper_list.matrix[1][1] 
_pdbx_struct_oper_list.matrix[1][2] 
_pdbx_struct_oper_list.matrix[1][3] 
_pdbx_struct_oper_list.vector[1] 
_pdbx_struct_oper_list.matrix[2][1] 
_pdbx_struct_oper_list.matrix[2][2] 
_pdbx_struct_oper_list.matrix[2][3] 
_pdbx_struct_oper_list.vector[2] 
_pdbx_struct_oper_list.matrix[3][1] 
_pdbx_struct_oper_list.matrix[3][2] 
_pdbx_struct_oper_list.matrix[3][3] 
_pdbx_struct_oper_list.vector[3] 
1 'identity operation'         1_555 x,y,z     1.0000000000  0.0000000000  0.0000000000 0.0000000000  0.0000000000  1.0000000000  0.0000000000  0.0000000000 0.0000000000 0.0000000000  1.0000000000  0.0000000000 
2 'crystal symmetry operation' 2_455 -x-1,-y,z -0.2755965285 -0.6209018271 0.7338443122 -2.1026538365 -0.6209018271 -0.4678116629 -0.6289937751 4.9828349179 0.7338443122 -0.6289937751 -0.2565918086 6.2915538979 
# 
loop_
_struct_conn.id 
_struct_conn.conn_type_id 
_struct_conn.pdbx_leaving_atom_flag 
_struct_conn.pdbx_PDB_id 
_struct_conn.ptnr1_label_asym_id 
_struct_conn.ptnr1_label_comp_id 
_struct_conn.ptnr1_label_seq_id 
_struct_conn.ptnr1_label_atom_id 
_struct_conn.pdbx_ptnr1_label_alt_id 
_struct_conn.pdbx_ptnr1_PDB_ins_code 
_struct_conn.pdbx_ptnr1_standard_comp_id 
_struct_conn.ptnr1_symmetry 
_struct_conn.ptnr2_label_asym_id 
_struct_conn.ptnr2_label_comp_id 
_struct_conn.ptnr2_label_seq_id 
_struct_conn.ptnr2_label_atom_id 
_struct_conn.pdbx_ptnr2_label_alt_id 
_struct_conn.pdbx_ptnr2_PDB_ins_code 
_struct_conn.ptnr1_auth_asym_id 
_struct_conn.ptnr1_auth_comp_id 
_struct_conn.ptnr1_auth_seq_id 
_struct_conn.ptnr2_auth_asym_id 
_struct_conn.ptnr2_auth_comp_id 
_struct_conn.ptnr2_auth_seq_id 
_struct_conn.ptnr2_symmetry 
_struct_conn.pdbx_ptnr3_label_atom_id 
_struct_conn.pdbx_ptnr3_label_seq_id 
_struct_conn.pdbx_ptnr3_label_comp_id 
_struct_conn.pdbx_ptnr3_label_asym_id 
_struct_conn.pdbx_ptnr3_label_alt_id 
_struct_conn.pdbx_ptnr3_PDB_ins_code 
_struct_conn.details 
_struct_conn.pdbx_dist_value 
_struct_conn.pdbx_value_order 
_struct_conn.pdbx_role 
hydrog1  hydrog ? ? A G 1 N1 ? ? ? 1_555 A C 8 N3 ? ? A G 1 A C 8 2_455 ? ? ? ? ? ? WATSON-CRICK ? ? ? 
hydrog2  hydrog ? ? A G 1 N2 ? ? ? 1_555 A C 8 O2 ? ? A G 1 A C 8 2_455 ? ? ? ? ? ? WATSON-CRICK ? ? ? 
hydrog3  hydrog ? ? A G 1 O6 ? ? ? 1_555 A C 8 N4 ? ? A G 1 A C 8 2_455 ? ? ? ? ? ? WATSON-CRICK ? ? ? 
hydrog4  hydrog ? ? A C 2 N3 ? ? ? 1_555 A G 7 N1 ? ? A C 2 A G 7 2_455 ? ? ? ? ? ? WATSON-CRICK ? ? ? 
hydrog5  hydrog ? ? A C 2 N4 ? ? ? 1_555 A G 7 O6 ? ? A C 2 A G 7 2_455 ? ? ? ? ? ? WATSON-CRICK ? ? ? 
hydrog6  hydrog ? ? A C 2 O2 ? ? ? 1_555 A G 7 N2 ? ? A C 2 A G 7 2_455 ? ? ? ? ? ? WATSON-CRICK ? ? ? 
hydrog7  hydrog ? ? A G 7 N1 ? ? ? 1_555 A C 2 N3 ? ? A G 7 A C 2 2_455 ? ? ? ? ? ? WATSON-CRICK ? ? ? 
hydrog8  hydrog ? ? A G 7 N2 ? ? ? 1_555 A C 2 O2 ? ? A G 7 A C 2 2_455 ? ? ? ? ? ? WATSON-CRICK ? ? ? 
hydrog9  hydrog ? ? A G 7 O6 ? ? ? 1_555 A C 2 N4 ? ? A G 7 A C 2 2_455 ? ? ? ? ? ? WATSON-CRICK ? ? ? 
hydrog10 hydrog ? ? A C 8 N3 ? ? ? 1_555 A G 1 N1 ? ? A C 8 A G 1 2_455 ? ? ? ? ? ? WATSON-CRICK ? ? ? 
hydrog11 hydrog ? ? A C 8 N4 ? ? ? 1_555 A G 1 O6 ? ? A C 8 A G 1 2_455 ? ? ? ? ? ? WATSON-CRICK ? ? ? 
hydrog12 hydrog ? ? A C 8 O2 ? ? ? 1_555 A G 1 N2 ? ? A C 8 A G 1 2_455 ? ? ? ? ? ? WATSON-CRICK ? ? ? 
# 
_struct_conn_type.id          hydrog 
_struct_conn_type.criteria    ? 
_struct_conn_type.reference   ? 
# 
_struct_site.id                   AC1 
_struct_site.pdbx_evidence_code   Software 
_struct_site.pdbx_auth_asym_id    A 
_struct_site.pdbx_auth_comp_id    J4H 
_struct_site.pdbx_auth_seq_id     101 
_struct_site.pdbx_auth_ins_code   ? 
_struct_site.pdbx_num_residues    5 
_struct_site.details              'binding site for residue J4H A 101' 
# 
loop_
_struct_site_gen.id 
_struct_site_gen.site_id 
_struct_site_gen.pdbx_num_res 
_struct_site_gen.label_comp_id 
_struct_site_gen.label_asym_id 
_struct_site_gen.label_seq_id 
_struct_site_gen.pdbx_auth_ins_code 
_struct_site_gen.auth_comp_id 
_struct_site_gen.auth_asym_id 
_struct_site_gen.auth_seq_id 
_struct_site_gen.label_atom_id 
_struct_site_gen.label_alt_id 
_struct_site_gen.symmetry 
_struct_site_gen.details 
1 AC1 5 C A 2 ? C A 2 . ? 1_555 ? 
2 AC1 5 A A 3 ? A A 3 . ? 2_455 ? 
3 AC1 5 A A 3 ? A A 3 . ? 1_555 ? 
4 AC1 5 A A 6 ? A A 6 . ? 2_455 ? 
5 AC1 5 G A 7 ? G A 7 . ? 2_455 ? 
# 
_pdbx_validate_rmsd_angle.id                         1 
_pdbx_validate_rmsd_angle.PDB_model_num              1 
_pdbx_validate_rmsd_angle.auth_atom_id_1             C2 
_pdbx_validate_rmsd_angle.auth_asym_id_1             A 
_pdbx_validate_rmsd_angle.auth_comp_id_1             A 
_pdbx_validate_rmsd_angle.auth_seq_id_1              6 
_pdbx_validate_rmsd_angle.PDB_ins_code_1             ? 
_pdbx_validate_rmsd_angle.label_alt_id_1             ? 
_pdbx_validate_rmsd_angle.auth_atom_id_2             N3 
_pdbx_validate_rmsd_angle.auth_asym_id_2             A 
_pdbx_validate_rmsd_angle.auth_comp_id_2             A 
_pdbx_validate_rmsd_angle.auth_seq_id_2              6 
_pdbx_validate_rmsd_angle.PDB_ins_code_2             ? 
_pdbx_validate_rmsd_angle.label_alt_id_2             ? 
_pdbx_validate_rmsd_angle.auth_atom_id_3             C4 
_pdbx_validate_rmsd_angle.auth_asym_id_3             A 
_pdbx_validate_rmsd_angle.auth_comp_id_3             A 
_pdbx_validate_rmsd_angle.auth_seq_id_3              6 
_pdbx_validate_rmsd_angle.PDB_ins_code_3             ? 
_pdbx_validate_rmsd_angle.label_alt_id_3             ? 
_pdbx_validate_rmsd_angle.angle_value                114.02 
_pdbx_validate_rmsd_angle.angle_target_value         110.60 
_pdbx_validate_rmsd_angle.angle_deviation            3.42 
_pdbx_validate_rmsd_angle.angle_standard_deviation   0.50 
_pdbx_validate_rmsd_angle.linker_flag                N 
# 
_pdbx_entry_details.entry_id                 6QIV 
_pdbx_entry_details.has_ligand_of_interest   Y 
_pdbx_entry_details.compound_details         ? 
_pdbx_entry_details.source_details           ? 
_pdbx_entry_details.nonpolymer_details       ? 
_pdbx_entry_details.sequence_details         ? 
# 
loop_
_chem_comp_atom.comp_id 
_chem_comp_atom.atom_id 
_chem_comp_atom.type_symbol 
_chem_comp_atom.pdbx_aromatic_flag 
_chem_comp_atom.pdbx_stereo_config 
_chem_comp_atom.pdbx_ordinal 
A   OP3    O N N 1   
A   P      P N N 2   
A   OP1    O N N 3   
A   OP2    O N N 4   
A   "O5'"  O N N 5   
A   "C5'"  C N N 6   
A   "C4'"  C N R 7   
A   "O4'"  O N N 8   
A   "C3'"  C N S 9   
A   "O3'"  O N N 10  
A   "C2'"  C N R 11  
A   "O2'"  O N N 12  
A   "C1'"  C N R 13  
A   N9     N Y N 14  
A   C8     C Y N 15  
A   N7     N Y N 16  
A   C5     C Y N 17  
A   C6     C Y N 18  
A   N6     N N N 19  
A   N1     N Y N 20  
A   C2     C Y N 21  
A   N3     N Y N 22  
A   C4     C Y N 23  
A   HOP3   H N N 24  
A   HOP2   H N N 25  
A   "H5'"  H N N 26  
A   "H5''" H N N 27  
A   "H4'"  H N N 28  
A   "H3'"  H N N 29  
A   "HO3'" H N N 30  
A   "H2'"  H N N 31  
A   "HO2'" H N N 32  
A   "H1'"  H N N 33  
A   H8     H N N 34  
A   H61    H N N 35  
A   H62    H N N 36  
A   H2     H N N 37  
C   OP3    O N N 38  
C   P      P N N 39  
C   OP1    O N N 40  
C   OP2    O N N 41  
C   "O5'"  O N N 42  
C   "C5'"  C N N 43  
C   "C4'"  C N R 44  
C   "O4'"  O N N 45  
C   "C3'"  C N S 46  
C   "O3'"  O N N 47  
C   "C2'"  C N R 48  
C   "O2'"  O N N 49  
C   "C1'"  C N R 50  
C   N1     N N N 51  
C   C2     C N N 52  
C   O2     O N N 53  
C   N3     N N N 54  
C   C4     C N N 55  
C   N4     N N N 56  
C   C5     C N N 57  
C   C6     C N N 58  
C   HOP3   H N N 59  
C   HOP2   H N N 60  
C   "H5'"  H N N 61  
C   "H5''" H N N 62  
C   "H4'"  H N N 63  
C   "H3'"  H N N 64  
C   "HO3'" H N N 65  
C   "H2'"  H N N 66  
C   "HO2'" H N N 67  
C   "H1'"  H N N 68  
C   H41    H N N 69  
C   H42    H N N 70  
C   H5     H N N 71  
C   H6     H N N 72  
G   OP3    O N N 73  
G   P      P N N 74  
G   OP1    O N N 75  
G   OP2    O N N 76  
G   "O5'"  O N N 77  
G   "C5'"  C N N 78  
G   "C4'"  C N R 79  
G   "O4'"  O N N 80  
G   "C3'"  C N S 81  
G   "O3'"  O N N 82  
G   "C2'"  C N R 83  
G   "O2'"  O N N 84  
G   "C1'"  C N R 85  
G   N9     N Y N 86  
G   C8     C Y N 87  
G   N7     N Y N 88  
G   C5     C Y N 89  
G   C6     C N N 90  
G   O6     O N N 91  
G   N1     N N N 92  
G   C2     C N N 93  
G   N2     N N N 94  
G   N3     N N N 95  
G   C4     C Y N 96  
G   HOP3   H N N 97  
G   HOP2   H N N 98  
G   "H5'"  H N N 99  
G   "H5''" H N N 100 
G   "H4'"  H N N 101 
G   "H3'"  H N N 102 
G   "HO3'" H N N 103 
G   "H2'"  H N N 104 
G   "HO2'" H N N 105 
G   "H1'"  H N N 106 
G   H8     H N N 107 
G   H1     H N N 108 
G   H21    H N N 109 
G   H22    H N N 110 
HOH O      O N N 111 
HOH H1     H N N 112 
HOH H2     H N N 113 
J4H N1     N N N 114 
J4H C2     C Y N 115 
J4H O2     O N N 116 
J4H N3     N N N 117 
J4H C4     C Y N 118 
J4H O4     O N N 119 
J4H N5     N N N 120 
J4H C6     C Y N 121 
J4H C1     C N N 122 
J4H C10    C Y N 123 
J4H C11    C Y N 124 
J4H C12    C Y N 125 
J4H C13    C Y N 126 
J4H C14    C Y N 127 
J4H C15    C Y N 128 
J4H C16    C Y N 129 
J4H C17    C Y N 130 
J4H C18    C N N 131 
J4H C19    C N N 132 
J4H C20    C N N 133 
J4H C21    C N N 134 
J4H C22    C N N 135 
J4H C23    C N N 136 
J4H C24    C N N 137 
J4H C25    C Y N 138 
J4H C26    C Y N 139 
J4H C3     C Y N 140 
J4H C5     C Y N 141 
J4H C7     C Y N 142 
J4H C8     C N N 143 
J4H C9     C N N 144 
J4H N2     N Y N 145 
J4H N4     N Y N 146 
J4H N6     N Y N 147 
J4H N7     N Y N 148 
J4H N8     N N N 149 
J4H O1     O N N 150 
J4H O3     O N N 151 
J4H H1     H N N 152 
J4H H2     H N N 153 
J4H H3     H N N 154 
J4H H4     H N N 155 
J4H H5     H N N 156 
J4H H6     H N N 157 
J4H H7     H N N 158 
J4H H8     H N N 159 
J4H H9     H N N 160 
J4H H10    H N N 161 
J4H H11    H N N 162 
J4H H12    H N N 163 
J4H H13    H N N 164 
J4H H14    H N N 165 
J4H H15    H N N 166 
J4H H16    H N N 167 
J4H H17    H N N 168 
J4H H18    H N N 169 
J4H H19    H N N 170 
J4H H20    H N N 171 
J4H H21    H N N 172 
J4H H22    H N N 173 
J4H H23    H N N 174 
J4H H24    H N N 175 
J4H H25    H N N 176 
J4H H26    H N N 177 
J4H H27    H N N 178 
J4H H28    H N N 179 
J4H H29    H N N 180 
# 
loop_
_chem_comp_bond.comp_id 
_chem_comp_bond.atom_id_1 
_chem_comp_bond.atom_id_2 
_chem_comp_bond.value_order 
_chem_comp_bond.pdbx_aromatic_flag 
_chem_comp_bond.pdbx_stereo_config 
_chem_comp_bond.pdbx_ordinal 
A   OP3   P      sing N N 1   
A   OP3   HOP3   sing N N 2   
A   P     OP1    doub N N 3   
A   P     OP2    sing N N 4   
A   P     "O5'"  sing N N 5   
A   OP2   HOP2   sing N N 6   
A   "O5'" "C5'"  sing N N 7   
A   "C5'" "C4'"  sing N N 8   
A   "C5'" "H5'"  sing N N 9   
A   "C5'" "H5''" sing N N 10  
A   "C4'" "O4'"  sing N N 11  
A   "C4'" "C3'"  sing N N 12  
A   "C4'" "H4'"  sing N N 13  
A   "O4'" "C1'"  sing N N 14  
A   "C3'" "O3'"  sing N N 15  
A   "C3'" "C2'"  sing N N 16  
A   "C3'" "H3'"  sing N N 17  
A   "O3'" "HO3'" sing N N 18  
A   "C2'" "O2'"  sing N N 19  
A   "C2'" "C1'"  sing N N 20  
A   "C2'" "H2'"  sing N N 21  
A   "O2'" "HO2'" sing N N 22  
A   "C1'" N9     sing N N 23  
A   "C1'" "H1'"  sing N N 24  
A   N9    C8     sing Y N 25  
A   N9    C4     sing Y N 26  
A   C8    N7     doub Y N 27  
A   C8    H8     sing N N 28  
A   N7    C5     sing Y N 29  
A   C5    C6     sing Y N 30  
A   C5    C4     doub Y N 31  
A   C6    N6     sing N N 32  
A   C6    N1     doub Y N 33  
A   N6    H61    sing N N 34  
A   N6    H62    sing N N 35  
A   N1    C2     sing Y N 36  
A   C2    N3     doub Y N 37  
A   C2    H2     sing N N 38  
A   N3    C4     sing Y N 39  
C   OP3   P      sing N N 40  
C   OP3   HOP3   sing N N 41  
C   P     OP1    doub N N 42  
C   P     OP2    sing N N 43  
C   P     "O5'"  sing N N 44  
C   OP2   HOP2   sing N N 45  
C   "O5'" "C5'"  sing N N 46  
C   "C5'" "C4'"  sing N N 47  
C   "C5'" "H5'"  sing N N 48  
C   "C5'" "H5''" sing N N 49  
C   "C4'" "O4'"  sing N N 50  
C   "C4'" "C3'"  sing N N 51  
C   "C4'" "H4'"  sing N N 52  
C   "O4'" "C1'"  sing N N 53  
C   "C3'" "O3'"  sing N N 54  
C   "C3'" "C2'"  sing N N 55  
C   "C3'" "H3'"  sing N N 56  
C   "O3'" "HO3'" sing N N 57  
C   "C2'" "O2'"  sing N N 58  
C   "C2'" "C1'"  sing N N 59  
C   "C2'" "H2'"  sing N N 60  
C   "O2'" "HO2'" sing N N 61  
C   "C1'" N1     sing N N 62  
C   "C1'" "H1'"  sing N N 63  
C   N1    C2     sing N N 64  
C   N1    C6     sing N N 65  
C   C2    O2     doub N N 66  
C   C2    N3     sing N N 67  
C   N3    C4     doub N N 68  
C   C4    N4     sing N N 69  
C   C4    C5     sing N N 70  
C   N4    H41    sing N N 71  
C   N4    H42    sing N N 72  
C   C5    C6     doub N N 73  
C   C5    H5     sing N N 74  
C   C6    H6     sing N N 75  
G   OP3   P      sing N N 76  
G   OP3   HOP3   sing N N 77  
G   P     OP1    doub N N 78  
G   P     OP2    sing N N 79  
G   P     "O5'"  sing N N 80  
G   OP2   HOP2   sing N N 81  
G   "O5'" "C5'"  sing N N 82  
G   "C5'" "C4'"  sing N N 83  
G   "C5'" "H5'"  sing N N 84  
G   "C5'" "H5''" sing N N 85  
G   "C4'" "O4'"  sing N N 86  
G   "C4'" "C3'"  sing N N 87  
G   "C4'" "H4'"  sing N N 88  
G   "O4'" "C1'"  sing N N 89  
G   "C3'" "O3'"  sing N N 90  
G   "C3'" "C2'"  sing N N 91  
G   "C3'" "H3'"  sing N N 92  
G   "O3'" "HO3'" sing N N 93  
G   "C2'" "O2'"  sing N N 94  
G   "C2'" "C1'"  sing N N 95  
G   "C2'" "H2'"  sing N N 96  
G   "O2'" "HO2'" sing N N 97  
G   "C1'" N9     sing N N 98  
G   "C1'" "H1'"  sing N N 99  
G   N9    C8     sing Y N 100 
G   N9    C4     sing Y N 101 
G   C8    N7     doub Y N 102 
G   C8    H8     sing N N 103 
G   N7    C5     sing Y N 104 
G   C5    C6     sing N N 105 
G   C5    C4     doub Y N 106 
G   C6    O6     doub N N 107 
G   C6    N1     sing N N 108 
G   N1    C2     sing N N 109 
G   N1    H1     sing N N 110 
G   C2    N2     sing N N 111 
G   C2    N3     doub N N 112 
G   N2    H21    sing N N 113 
G   N2    H22    sing N N 114 
G   N3    C4     sing N N 115 
HOH O     H1     sing N N 116 
HOH O     H2     sing N N 117 
J4H C20   C19    sing N N 118 
J4H C20   C21    sing N N 119 
J4H C19   O3     sing N N 120 
J4H C21   N8     sing N N 121 
J4H O2    C18    doub N N 122 
J4H O3    C18    sing N N 123 
J4H C22   N8     sing N N 124 
J4H C22   C23    sing N N 125 
J4H C18   N5     sing N N 126 
J4H C16   C15    doub Y N 127 
J4H C16   C17    sing Y N 128 
J4H N5    C17    sing N N 129 
J4H C23   C24    sing N N 130 
J4H C15   C12    sing Y N 131 
J4H C17   N6     doub Y N 132 
J4H C24   O4     sing N N 133 
J4H O4    C1     sing N N 134 
J4H C12   C11    doub Y N 135 
J4H C12   C13    sing Y N 136 
J4H N6    C11    sing Y N 137 
J4H C11   N4     sing Y N 138 
J4H C13   C14    doub Y N 139 
J4H C1    O1     doub N N 140 
J4H C1    N1     sing N N 141 
J4H N1    C2     sing N N 142 
J4H N4    C10    doub Y N 143 
J4H C14   C10    sing Y N 144 
J4H C10   C9     sing N N 145 
J4H C2    N2     doub Y N 146 
J4H C2    C26    sing Y N 147 
J4H N2    C3     sing Y N 148 
J4H C26   C25    doub Y N 149 
J4H C9    N3     sing N N 150 
J4H C3    N7     doub Y N 151 
J4H C3    C4     sing Y N 152 
J4H N7    C7     sing Y N 153 
J4H N3    C8     sing N N 154 
J4H C25   C4     sing Y N 155 
J4H C4    C5     doub Y N 156 
J4H C7    C8     sing N N 157 
J4H C7    C6     doub Y N 158 
J4H C5    C6     sing Y N 159 
J4H N1    H1     sing N N 160 
J4H N3    H2     sing N N 161 
J4H N3    H3     sing N N 162 
J4H N5    H4     sing N N 163 
J4H C6    H5     sing N N 164 
J4H C13   H6     sing N N 165 
J4H C14   H7     sing N N 166 
J4H C15   H8     sing N N 167 
J4H C16   H9     sing N N 168 
J4H C19   H10    sing N N 169 
J4H C19   H11    sing N N 170 
J4H C20   H12    sing N N 171 
J4H C20   H13    sing N N 172 
J4H C21   H14    sing N N 173 
J4H C21   H15    sing N N 174 
J4H C22   H16    sing N N 175 
J4H C22   H17    sing N N 176 
J4H C23   H18    sing N N 177 
J4H C23   H19    sing N N 178 
J4H C24   H20    sing N N 179 
J4H C24   H21    sing N N 180 
J4H C25   H22    sing N N 181 
J4H C26   H23    sing N N 182 
J4H C5    H24    sing N N 183 
J4H C8    H25    sing N N 184 
J4H C8    H26    sing N N 185 
J4H C9    H27    sing N N 186 
J4H C9    H28    sing N N 187 
J4H N8    H29    sing N N 188 
# 
loop_
_ndb_struct_na_base_pair.model_number 
_ndb_struct_na_base_pair.i_label_asym_id 
_ndb_struct_na_base_pair.i_label_comp_id 
_ndb_struct_na_base_pair.i_label_seq_id 
_ndb_struct_na_base_pair.i_symmetry 
_ndb_struct_na_base_pair.j_label_asym_id 
_ndb_struct_na_base_pair.j_label_comp_id 
_ndb_struct_na_base_pair.j_label_seq_id 
_ndb_struct_na_base_pair.j_symmetry 
_ndb_struct_na_base_pair.shear 
_ndb_struct_na_base_pair.stretch 
_ndb_struct_na_base_pair.stagger 
_ndb_struct_na_base_pair.buckle 
_ndb_struct_na_base_pair.propeller 
_ndb_struct_na_base_pair.opening 
_ndb_struct_na_base_pair.pair_number 
_ndb_struct_na_base_pair.pair_name 
_ndb_struct_na_base_pair.i_auth_asym_id 
_ndb_struct_na_base_pair.i_auth_seq_id 
_ndb_struct_na_base_pair.i_PDB_ins_code 
_ndb_struct_na_base_pair.j_auth_asym_id 
_ndb_struct_na_base_pair.j_auth_seq_id 
_ndb_struct_na_base_pair.j_PDB_ins_code 
_ndb_struct_na_base_pair.hbond_type_28 
_ndb_struct_na_base_pair.hbond_type_12 
1 A G 1 1_555 A C 8 2_455 -0.021 -0.035 0.152  3.975 -0.062 -0.073 1 A_G1:C8_A A 1 ? A 8 ? 19 1 
1 A C 2 1_555 A G 7 2_455 -0.043 -0.165 -0.225 3.574 -9.541 3.073  2 A_C2:G7_A A 2 ? A 7 ? 19 1 
1 A G 1 2_455 A C 8 1_555 -0.021 -0.035 0.152  3.975 -0.062 -0.073 3 A_G1:C8_A A 1 ? A 8 ? 19 1 
1 A C 2 2_455 A G 7 1_555 -0.043 -0.165 -0.225 3.574 -9.541 3.073  4 A_C2:G7_A A 2 ? A 7 ? 19 1 
# 
loop_
_ndb_struct_na_base_pair_step.model_number 
_ndb_struct_na_base_pair_step.i_label_asym_id_1 
_ndb_struct_na_base_pair_step.i_label_comp_id_1 
_ndb_struct_na_base_pair_step.i_label_seq_id_1 
_ndb_struct_na_base_pair_step.i_symmetry_1 
_ndb_struct_na_base_pair_step.j_label_asym_id_1 
_ndb_struct_na_base_pair_step.j_label_comp_id_1 
_ndb_struct_na_base_pair_step.j_label_seq_id_1 
_ndb_struct_na_base_pair_step.j_symmetry_1 
_ndb_struct_na_base_pair_step.i_label_asym_id_2 
_ndb_struct_na_base_pair_step.i_label_comp_id_2 
_ndb_struct_na_base_pair_step.i_label_seq_id_2 
_ndb_struct_na_base_pair_step.i_symmetry_2 
_ndb_struct_na_base_pair_step.j_label_asym_id_2 
_ndb_struct_na_base_pair_step.j_label_comp_id_2 
_ndb_struct_na_base_pair_step.j_label_seq_id_2 
_ndb_struct_na_base_pair_step.j_symmetry_2 
_ndb_struct_na_base_pair_step.shift 
_ndb_struct_na_base_pair_step.slide 
_ndb_struct_na_base_pair_step.rise 
_ndb_struct_na_base_pair_step.tilt 
_ndb_struct_na_base_pair_step.roll 
_ndb_struct_na_base_pair_step.twist 
_ndb_struct_na_base_pair_step.x_displacement 
_ndb_struct_na_base_pair_step.y_displacement 
_ndb_struct_na_base_pair_step.helical_rise 
_ndb_struct_na_base_pair_step.inclination 
_ndb_struct_na_base_pair_step.tip 
_ndb_struct_na_base_pair_step.helical_twist 
_ndb_struct_na_base_pair_step.step_number 
_ndb_struct_na_base_pair_step.step_name 
_ndb_struct_na_base_pair_step.i_auth_asym_id_1 
_ndb_struct_na_base_pair_step.i_auth_seq_id_1 
_ndb_struct_na_base_pair_step.i_PDB_ins_code_1 
_ndb_struct_na_base_pair_step.j_auth_asym_id_1 
_ndb_struct_na_base_pair_step.j_auth_seq_id_1 
_ndb_struct_na_base_pair_step.j_PDB_ins_code_1 
_ndb_struct_na_base_pair_step.i_auth_asym_id_2 
_ndb_struct_na_base_pair_step.i_auth_seq_id_2 
_ndb_struct_na_base_pair_step.i_PDB_ins_code_2 
_ndb_struct_na_base_pair_step.j_auth_asym_id_2 
_ndb_struct_na_base_pair_step.j_auth_seq_id_2 
_ndb_struct_na_base_pair_step.j_PDB_ins_code_2 
1 A G 1 1_555 A C 8 2_455 A C 2 1_555 A G 7 2_455 -0.182 -2.385 3.262 1.678 1.650 29.740 -4.968 0.694 3.114 3.208 -3.263 29.831 1 
AA_G1C2:G7C8_AA A 1 ? A 8 ? A 2 ? A 7 ? 
1 A G 1 2_455 A C 8 1_555 A C 2 2_455 A G 7 1_555 -0.182 -2.385 3.262 1.678 1.650 29.740 -4.968 0.694 3.114 3.208 -3.263 29.831 2 
AA_G1C2:G7C8_AA A 1 ? A 8 ? A 2 ? A 7 ? 
# 
_pdbx_audit_support.funding_organization   'National Center for Research and Development (Poland)' 
_pdbx_audit_support.country                Poland 
_pdbx_audit_support.grant_number           'NCN 2017/26/E/NZ1/00950' 
_pdbx_audit_support.ordinal                1 
# 
_pdbx_entity_instance_feature.ordinal        1 
_pdbx_entity_instance_feature.comp_id        J4H 
_pdbx_entity_instance_feature.asym_id        ? 
_pdbx_entity_instance_feature.seq_num        ? 
_pdbx_entity_instance_feature.auth_comp_id   J4H 
_pdbx_entity_instance_feature.auth_asym_id   ? 
_pdbx_entity_instance_feature.auth_seq_num   ? 
_pdbx_entity_instance_feature.feature_type   'SUBJECT OF INVESTIGATION' 
_pdbx_entity_instance_feature.details        ? 
# 
_pdbx_initial_refinement_model.id               1 
_pdbx_initial_refinement_model.entity_id_list   ? 
_pdbx_initial_refinement_model.type             'experimental model' 
_pdbx_initial_refinement_model.source_name      PDB 
_pdbx_initial_refinement_model.accession_code   6QIQ 
_pdbx_initial_refinement_model.details          ? 
# 
_atom_sites.entry_id                    6QIV 
_atom_sites.Cartn_transf_matrix[1][1]   ? 
_atom_sites.Cartn_transf_matrix[1][2]   ? 
_atom_sites.Cartn_transf_matrix[1][3]   ? 
_atom_sites.Cartn_transf_matrix[2][1]   ? 
_atom_sites.Cartn_transf_matrix[2][2]   ? 
_atom_sites.Cartn_transf_matrix[2][3]   ? 
_atom_sites.Cartn_transf_matrix[3][1]   ? 
_atom_sites.Cartn_transf_matrix[3][2]   ? 
_atom_sites.Cartn_transf_matrix[3][3]   ? 
_atom_sites.Cartn_transf_vector[1]      ? 
_atom_sites.Cartn_transf_vector[2]      ? 
_atom_sites.Cartn_transf_vector[3]      ? 
_atom_sites.fract_transf_matrix[1][1]   0.02127705 
_atom_sites.fract_transf_matrix[1][2]   0.01119861 
_atom_sites.fract_transf_matrix[1][3]   -0.01152825 
_atom_sites.fract_transf_matrix[2][1]   0.00088075 
_atom_sites.fract_transf_matrix[2][2]   -0.01991016 
_atom_sites.fract_transf_matrix[2][3]   -0.01771530 
_atom_sites.fract_transf_matrix[3][1]   -0.01569999 
_atom_sites.fract_transf_matrix[3][2]   0.01345680 
_atom_sites.fract_transf_matrix[3][3]   -0.01590460 
_atom_sites.fract_transf_vector[1]      -0.469288 
_atom_sites.fract_transf_vector[2]      0.106259 
_atom_sites.fract_transf_vector[3]      -0.279489 
_atom_sites.solution_primary            ? 
_atom_sites.solution_secondary          ? 
_atom_sites.solution_hydrogens          ? 
_atom_sites.special_details             ? 
# 
loop_
_atom_type.symbol 
C 
N 
O 
P 
# 
loop_
_atom_site.group_PDB 
_atom_site.id 
_atom_site.type_symbol 
_atom_site.label_atom_id 
_atom_site.label_alt_id 
_atom_site.label_comp_id 
_atom_site.label_asym_id 
_atom_site.label_entity_id 
_atom_site.label_seq_id 
_atom_site.pdbx_PDB_ins_code 
_atom_site.Cartn_x 
_atom_site.Cartn_y 
_atom_site.Cartn_z 
_atom_site.occupancy 
_atom_site.B_iso_or_equiv 
_atom_site.pdbx_formal_charge 
_atom_site.auth_seq_id 
_atom_site.auth_comp_id 
_atom_site.auth_asym_id 
_atom_site.auth_atom_id 
_atom_site.pdbx_PDB_model_num 
ATOM   1   O "O5'" . G   A 1 1 ? -3.38895  13.14729  -4.69303 1.000 52.68037 ? 1   G   A "O5'" 1 
ATOM   2   C "C5'" . G   A 1 1 ? -3.37016  13.03000  -6.10775 1.000 47.03947 ? 1   G   A "C5'" 1 
ATOM   3   C "C4'" . G   A 1 1 ? -1.98606  12.70195  -6.61663 1.000 48.78201 ? 1   G   A "C4'" 1 
ATOM   4   O "O4'" . G   A 1 1 ? -1.05499  13.74941  -6.23586 1.000 46.55970 ? 1   G   A "O4'" 1 
ATOM   5   C "C3'" . G   A 1 1 ? -1.35541  11.43133  -6.07860 1.000 44.75983 ? 1   G   A "C3'" 1 
ATOM   6   O "O3'" . G   A 1 1 ? -1.83149  10.27051  -6.75524 1.000 51.71447 ? 1   G   A "O3'" 1 
ATOM   7   C "C2'" . G   A 1 1 ? 0.13747   11.72198  -6.25194 1.000 47.35902 ? 1   G   A "C2'" 1 
ATOM   8   O "O2'" . G   A 1 1 ? 0.54469   11.62085  -7.60658 1.000 48.09658 ? 1   G   A "O2'" 1 
ATOM   9   C "C1'" . G   A 1 1 ? 0.18473   13.19462  -5.86760 1.000 43.28387 ? 1   G   A "C1'" 1 
ATOM   10  N N9    . G   A 1 1 ? 0.30258   13.32608  -4.40405 1.000 46.16006 ? 1   G   A N9    1 
ATOM   11  C C8    . G   A 1 1 ? -0.65136  13.78853  -3.51238 1.000 44.36878 ? 1   G   A C8    1 
ATOM   12  N N7    . G   A 1 1 ? -0.26428  13.74180  -2.26502 1.000 42.55766 ? 1   G   A N7    1 
ATOM   13  C C5    . G   A 1 1 ? 1.02285   13.17617  -2.33920 1.000 44.03116 ? 1   G   A C5    1 
ATOM   14  C C6    . G   A 1 1 ? 1.97148   12.84748  -1.32916 1.000 41.85049 ? 1   G   A C6    1 
ATOM   15  O O6    . G   A 1 1 ? 1.89284   12.97870  -0.10463 1.000 40.77091 ? 1   G   A O6    1 
ATOM   16  N N1    . G   A 1 1 ? 3.13436   12.30843  -1.85356 1.000 41.79151 ? 1   G   A N1    1 
ATOM   17  C C2    . G   A 1 1 ? 3.37064   12.10461  -3.18438 1.000 43.98334 ? 1   G   A C2    1 
ATOM   18  N N2    . G   A 1 1 ? 4.56594   11.57937  -3.49483 1.000 40.51607 ? 1   G   A N2    1 
ATOM   19  N N3    . G   A 1 1 ? 2.51382   12.40296  -4.14579 1.000 45.46573 ? 1   G   A N3    1 
ATOM   20  C C4    . G   A 1 1 ? 1.37656   12.92278  -3.65015 1.000 44.91685 ? 1   G   A C4    1 
ATOM   21  P P     . C   A 1 2 ? -1.92930  8.82681   -6.02805 1.000 55.74611 ? 2   C   A P     1 
ATOM   22  O OP1   . C   A 1 2 ? -2.60408  7.80339   -6.88598 1.000 53.63785 ? 2   C   A OP1   1 
ATOM   23  O OP2   . C   A 1 2 ? -2.56461  9.03603   -4.68915 1.000 44.91134 ? 2   C   A OP2   1 
ATOM   24  O "O5'" . C   A 1 2 ? -0.39813  8.38598   -5.94423 1.000 43.99579 ? 2   C   A "O5'" 1 
ATOM   25  C "C5'" . C   A 1 2 ? 0.40057   8.26943   -7.10779 1.000 42.36358 ? 2   C   A "C5'" 1 
ATOM   26  C "C4'" . C   A 1 2 ? 1.84086   7.97263   -6.74774 1.000 46.33097 ? 2   C   A "C4'" 1 
ATOM   27  O "O4'" . C   A 1 2 ? 2.38172   9.04987   -5.94254 1.000 48.86229 ? 2   C   A "O4'" 1 
ATOM   28  C "C3'" . C   A 1 2 ? 2.09995   6.72004   -5.91100 1.000 43.62967 ? 2   C   A "C3'" 1 
ATOM   29  O "O3'" . C   A 1 2 ? 2.20192   5.55718   -6.69993 1.000 45.27458 ? 2   C   A "O3'" 1 
ATOM   30  C "C2'" . C   A 1 2 ? 3.41867   7.03668   -5.23731 1.000 44.93335 ? 2   C   A "C2'" 1 
ATOM   31  O "O2'" . C   A 1 2 ? 4.45362   6.83352   -6.18018 1.000 46.11792 ? 2   C   A "O2'" 1 
ATOM   32  C "C1'" . C   A 1 2 ? 3.27969   8.53366   -4.97695 1.000 44.11201 ? 2   C   A "C1'" 1 
ATOM   33  N N1    . C   A 1 2 ? 2.71681   8.82897   -3.64144 1.000 42.52522 ? 2   C   A N1    1 
ATOM   34  C C2    . C   A 1 2 ? 3.49588   8.66270   -2.49515 1.000 41.69459 ? 2   C   A C2    1 
ATOM   35  O O2    . C   A 1 2 ? 4.65533   8.24959   -2.62457 1.000 46.20470 ? 2   C   A O2    1 
ATOM   36  N N3    . C   A 1 2 ? 2.96782   8.95072   -1.27368 1.000 39.28751 ? 2   C   A N3    1 
ATOM   37  C C4    . C   A 1 2 ? 1.71671   9.41246   -1.16122 1.000 42.74909 ? 2   C   A C4    1 
ATOM   38  N N4    . C   A 1 2 ? 1.25082   9.70821   0.05710  1.000 37.54180 ? 2   C   A N4    1 
ATOM   39  C C5    . C   A 1 2 ? 0.89414   9.60963   -2.32589 1.000 43.89071 ? 2   C   A C5    1 
ATOM   40  C C6    . C   A 1 2 ? 1.42934   9.31549   -3.52581 1.000 42.62441 ? 2   C   A C6    1 
ATOM   41  P P     . A   A 1 3 ? 1.39031   4.23464   -6.28846 1.000 52.27826 ? 3   A   A P     1 
ATOM   42  O OP1   . A   A 1 3 ? 1.35849   3.32550   -7.47009 1.000 50.95477 ? 3   A   A OP1   1 
ATOM   43  O OP2   . A   A 1 3 ? 0.09256   4.63443   -5.70546 1.000 36.17099 ? 3   A   A OP2   1 
ATOM   44  O "O5'" . A   A 1 3 ? 2.26232   3.64780   -5.07789 1.000 44.01948 ? 3   A   A "O5'" 1 
ATOM   45  C "C5'" . A   A 1 3 ? 3.62562   3.27980   -5.24098 1.000 47.04429 ? 3   A   A "C5'" 1 
ATOM   46  C "C4'" . A   A 1 3 ? 3.90692   1.95010   -4.58755 1.000 42.29407 ? 3   A   A "C4'" 1 
ATOM   47  O "O4'" . A   A 1 3 ? 3.60157   2.04586   -3.16835 1.000 41.47499 ? 3   A   A "O4'" 1 
ATOM   48  C "C3'" . A   A 1 3 ? 3.06350   0.79650   -5.11700 1.000 42.23799 ? 3   A   A "C3'" 1 
ATOM   49  O "O3'" . A   A 1 3 ? 3.79550   -0.41681  -4.99265 1.000 43.39988 ? 3   A   A "O3'" 1 
ATOM   50  C "C2'" . A   A 1 3 ? 1.89768   0.76196   -4.13589 1.000 42.83614 ? 3   A   A "C2'" 1 
ATOM   51  O "O2'" . A   A 1 3 ? 1.26118   -0.48449  -4.02749 1.000 47.19100 ? 3   A   A "O2'" 1 
ATOM   52  C "C1'" . A   A 1 3 ? 2.57561   1.12472   -2.83189 1.000 39.71364 ? 3   A   A "C1'" 1 
ATOM   53  N N9    . A   A 1 3 ? 1.68979   1.77783   -1.87050 1.000 41.94301 ? 3   A   A N9    1 
ATOM   54  C C8    . A   A 1 3 ? 0.58107   2.56440   -2.08358 1.000 42.40724 ? 3   A   A C8    1 
ATOM   55  N N7    . A   A 1 3 ? 0.04079   3.05433   -0.98266 1.000 40.88964 ? 3   A   A N7    1 
ATOM   56  C C5    . A   A 1 3 ? 0.84932   2.54851   0.02302  1.000 42.25447 ? 3   A   A C5    1 
ATOM   57  C C6    . A   A 1 3 ? 0.83290   2.67317   1.43019  1.000 41.64877 ? 3   A   A C6    1 
ATOM   58  N N6    . A   A 1 3 ? -0.05516  3.37418   2.12066  1.000 39.41801 ? 3   A   A N6    1 
ATOM   59  N N1    . A   A 1 3 ? 1.78633   2.02850   2.14076  1.000 43.47807 ? 3   A   A N1    1 
ATOM   60  C C2    . A   A 1 3 ? 2.69416   1.31541   1.45663  1.000 46.06205 ? 3   A   A C2    1 
ATOM   61  N N3    . A   A 1 3 ? 2.81660   1.12636   0.13083  1.000 40.98333 ? 3   A   A N3    1 
ATOM   62  C C4    . A   A 1 3 ? 1.85652   1.76746   -0.52460 1.000 41.57822 ? 3   A   A C4    1 
ATOM   63  P P     . G   A 1 4 ? 5.10157   -0.63792  -5.88360 1.000 46.66026 ? 4   G   A P     1 
ATOM   64  O OP1   . G   A 1 4 ? 6.30345   -0.65149  -4.98647 1.000 43.55310 ? 4   G   A OP1   1 
ATOM   65  O OP2   . G   A 1 4 ? 4.91447   0.33860   -6.99069 1.000 52.11538 ? 4   G   A OP2   1 
ATOM   66  O "O5'" . G   A 1 4 ? 4.93744   -2.08366  -6.52308 1.000 45.42920 ? 4   G   A "O5'" 1 
ATOM   67  C "C5'" . G   A 1 4 ? 3.74583   -2.46704  -7.19826 1.000 40.29710 ? 4   G   A "C5'" 1 
ATOM   68  C "C4'" . G   A 1 4 ? 3.53586   -3.96072  -7.11235 1.000 44.37145 ? 4   G   A "C4'" 1 
ATOM   69  O "O4'" . G   A 1 4 ? 4.68580   -4.66916  -7.65302 1.000 46.33352 ? 4   G   A "O4'" 1 
ATOM   70  C "C3'" . G   A 1 4 ? 3.39305   -4.49323  -5.69245 1.000 41.67654 ? 4   G   A "C3'" 1 
ATOM   71  O "O3'" . G   A 1 4 ? 2.05011   -4.40400  -5.28608 1.000 43.32329 ? 4   G   A "O3'" 1 
ATOM   72  C "C2'" . G   A 1 4 ? 3.89242   -5.92381  -5.81125 1.000 41.15854 ? 4   G   A "C2'" 1 
ATOM   73  O "O2'" . G   A 1 4 ? 2.90378   -6.75149  -6.39796 1.000 43.00288 ? 4   G   A "O2'" 1 
ATOM   74  C "C1'" . G   A 1 4 ? 5.01499   -5.76348  -6.82331 1.000 42.42426 ? 4   G   A "C1'" 1 
ATOM   75  N N9    . G   A 1 4 ? 6.30818   -5.49304  -6.16416 1.000 41.34689 ? 4   G   A N9    1 
ATOM   76  C C8    . G   A 1 4 ? 6.94908   -4.29947  -5.89976 1.000 40.96351 ? 4   G   A C8    1 
ATOM   77  N N7    . G   A 1 4 ? 8.10880   -4.46682  -5.31316 1.000 37.41203 ? 4   G   A N7    1 
ATOM   78  C C5    . G   A 1 4 ? 8.23478   -5.85297  -5.18382 1.000 42.50612 ? 4   G   A C5    1 
ATOM   79  C C6    . G   A 1 4 ? 9.24534   -6.69499  -4.62096 1.000 39.53649 ? 4   G   A C6    1 
ATOM   80  O O6    . G   A 1 4 ? 10.30326  -6.39372  -4.09813 1.000 41.58780 ? 4   G   A O6    1 
ATOM   81  N N1    . G   A 1 4 ? 8.94781   -8.04016  -4.70312 1.000 41.30148 ? 4   G   A N1    1 
ATOM   82  C C2    . G   A 1 4 ? 7.80571   -8.55101  -5.27354 1.000 42.20121 ? 4   G   A C2    1 
ATOM   83  N N2    . G   A 1 4 ? 7.63734   -9.87954  -5.29601 1.000 35.65903 ? 4   G   A N2    1 
ATOM   84  N N3    . G   A 1 4 ? 6.86101   -7.79328  -5.78497 1.000 41.17400 ? 4   G   A N3    1 
ATOM   85  C C4    . G   A 1 4 ? 7.13305   -6.47931  -5.70790 1.000 41.44975 ? 4   G   A C4    1 
ATOM   86  P P     . C   A 1 5 ? 1.65838   -3.87038  -3.83869 1.000 38.78205 ? 5   C   A P     1 
ATOM   87  O OP1   . C   A 1 5 ? 0.19164   -3.63219  -3.94281 1.000 43.55487 ? 5   C   A OP1   1 
ATOM   88  O OP2   . C   A 1 5 ? 2.57130   -2.81848  -3.38179 1.000 41.75683 ? 5   C   A OP2   1 
ATOM   89  O "O5'" . C   A 1 5 ? 1.85334   -5.17701  -2.94172 1.000 44.91969 ? 5   C   A "O5'" 1 
ATOM   90  C "C5'" . C   A 1 5 ? 1.18951   -6.37500  -3.32861 1.000 37.30430 ? 5   C   A "C5'" 1 
ATOM   91  C "C4'" . C   A 1 5 ? 1.85071   -7.60612  -2.76601 1.000 41.67270 ? 5   C   A "C4'" 1 
ATOM   92  O "O4'" . C   A 1 5 ? 3.14604   -7.84890  -3.37863 1.000 41.10787 ? 5   C   A "O4'" 1 
ATOM   93  C "C3'" . C   A 1 5 ? 2.15781   -7.60277  -1.28281 1.000 39.81219 ? 5   C   A "C3'" 1 
ATOM   94  O "O3'" . C   A 1 5 ? 1.00541   -7.81429  -0.49221 1.000 41.94650 ? 5   C   A "O3'" 1 
ATOM   95  C "C2'" . C   A 1 5 ? 3.15450   -8.74536  -1.18056 1.000 38.41891 ? 5   C   A "C2'" 1 
ATOM   96  O "O2'" . C   A 1 5 ? 2.46043   -9.96629  -1.33176 1.000 40.26728 ? 5   C   A "O2'" 1 
ATOM   97  C "C1'" . C   A 1 5 ? 3.97204   -8.54039  -2.45408 1.000 41.60300 ? 5   C   A "C1'" 1 
ATOM   98  N N1    . C   A 1 5 ? 5.19944   -7.74461  -2.21671 1.000 43.80060 ? 5   C   A N1    1 
ATOM   99  C C2    . C   A 1 5 ? 6.36423   -8.44381  -1.95219 1.000 41.12276 ? 5   C   A C2    1 
ATOM   100 O O2    . C   A 1 5 ? 6.38715   -9.68771  -1.89035 1.000 40.61674 ? 5   C   A O2    1 
ATOM   101 N N3    . C   A 1 5 ? 7.47181   -7.72831  -1.76310 1.000 41.80880 ? 5   C   A N3    1 
ATOM   102 C C4    . C   A 1 5 ? 7.49174   -6.40928  -1.81891 1.000 42.73925 ? 5   C   A C4    1 
ATOM   103 N N4    . C   A 1 5 ? 8.68462   -5.85796  -1.58445 1.000 42.44749 ? 5   C   A N4    1 
ATOM   104 C C5    . C   A 1 5 ? 6.32804   -5.64832  -2.08867 1.000 38.75783 ? 5   C   A C5    1 
ATOM   105 C C6    . C   A 1 5 ? 5.21341   -6.36461  -2.28052 1.000 39.14213 ? 5   C   A C6    1 
ATOM   106 P P     . A   A 1 6 ? 0.22794   -6.58781  0.18727  1.000 47.60204 ? 6   A   A P     1 
ATOM   107 O OP1   . A   A 1 6 ? -1.09731  -6.47447  -0.54794 1.000 45.28694 ? 6   A   A OP1   1 
ATOM   108 O OP2   . A   A 1 6 ? 1.22293   -5.44808  0.24486  1.000 45.96445 ? 6   A   A OP2   1 
ATOM   109 O "O5'" . A   A 1 6 ? -0.10719  -7.08865  1.67157  1.000 48.78587 ? 6   A   A "O5'" 1 
ATOM   110 C "C5'" . A   A 1 6 ? 0.88782   -7.55469  2.56841  1.000 42.20836 ? 6   A   A "C5'" 1 
ATOM   111 C "C4'" . A   A 1 6 ? 0.54420   -7.16213  3.97185  1.000 42.84837 ? 6   A   A "C4'" 1 
ATOM   112 O "O4'" . A   A 1 6 ? 0.69107   -5.73641  4.11017  1.000 46.47429 ? 6   A   A "O4'" 1 
ATOM   113 C "C3'" . A   A 1 6 ? -0.89081  -7.40970  4.40656  1.000 48.77537 ? 6   A   A "C3'" 1 
ATOM   114 O "O3'" . A   A 1 6 ? -1.15102  -8.75144  4.76921  1.000 48.53259 ? 6   A   A "O3'" 1 
ATOM   115 C "C2'" . A   A 1 6 ? -1.05336  -6.43176  5.56121  1.000 47.49813 ? 6   A   A "C2'" 1 
ATOM   116 O "O2'" . A   A 1 6 ? -0.41883  -6.94913  6.72665  1.000 46.17186 ? 6   A   A "O2'" 1 
ATOM   117 C "C1'" . A   A 1 6 ? -0.25253  -5.23702  5.04534  1.000 42.21920 ? 6   A   A "C1'" 1 
ATOM   118 N N9    . A   A 1 6 ? -1.10490  -4.26592  4.33657  1.000 46.38600 ? 6   A   A N9    1 
ATOM   119 C C8    . A   A 1 6 ? -1.08534  -4.11838  2.97310  1.000 43.73471 ? 6   A   A C8    1 
ATOM   120 N N7    . A   A 1 6 ? -1.93886  -3.21780  2.56113  1.000 43.70954 ? 6   A   A N7    1 
ATOM   121 C C5    . A   A 1 6 ? -2.55995  -2.74121  3.70855  1.000 41.62695 ? 6   A   A C5    1 
ATOM   122 C C6    . A   A 1 6 ? -3.56171  -1.76036  3.90896  1.000 44.82087 ? 6   A   A C6    1 
ATOM   123 N N6    . A   A 1 6 ? -4.09911  -1.08237  2.87448  1.000 44.23557 ? 6   A   A N6    1 
ATOM   124 N N1    . A   A 1 6 ? -3.99961  -1.50315  5.17942  1.000 42.91985 ? 6   A   A N1    1 
ATOM   125 C C2    . A   A 1 6 ? -3.43188  -2.20663  6.16173  1.000 44.11746 ? 6   A   A C2    1 
ATOM   126 N N3    . A   A 1 6 ? -2.46924  -3.12884  6.06844  1.000 45.71789 ? 6   A   A N3    1 
ATOM   127 C C4    . A   A 1 6 ? -2.06014  -3.36709  4.81075  1.000 41.85216 ? 6   A   A C4    1 
ATOM   128 P P     . G   A 1 7 ? -2.46131  -9.50041  4.20989  1.000 57.59204 ? 7   G   A P     1 
ATOM   129 O OP1   . G   A 1 7 ? -2.17321  -10.94130 4.45764  1.000 59.82296 ? 7   G   A OP1   1 
ATOM   130 O OP2   . G   A 1 7 ? -2.79174  -9.07611  2.82389  1.000 59.92039 ? 7   G   A OP2   1 
ATOM   131 O "O5'" . G   A 1 7 ? -3.68019  -8.88544  5.05043  1.000 48.53830 ? 7   G   A "O5'" 1 
ATOM   132 C "C5'" . G   A 1 7 ? -3.70132  -8.99820  6.45201  1.000 48.47633 ? 7   G   A "C5'" 1 
ATOM   133 C "C4'" . G   A 1 7 ? -4.57107  -7.96032  7.10027  1.000 48.78416 ? 7   G   A "C4'" 1 
ATOM   134 O "O4'" . G   A 1 7 ? -4.11206  -6.63428  6.74602  1.000 54.33322 ? 7   G   A "O4'" 1 
ATOM   135 C "C3'" . G   A 1 7 ? -6.04573  -7.93272  6.72783  1.000 50.52015 ? 7   G   A "C3'" 1 
ATOM   136 O "O3'" . G   A 1 7 ? -6.80496  -8.93308  7.36620  1.000 53.52819 ? 7   G   A "O3'" 1 
ATOM   137 C "C2'" . G   A 1 7 ? -6.44581  -6.54628  7.18443  1.000 50.34850 ? 7   G   A "C2'" 1 
ATOM   138 O "O2'" . G   A 1 7 ? -6.56349  -6.54476  8.59923  1.000 45.13133 ? 7   G   A "O2'" 1 
ATOM   139 C "C1'" . G   A 1 7 ? -5.21184  -5.73631  6.77827  1.000 50.71914 ? 7   G   A "C1'" 1 
ATOM   140 N N9    . G   A 1 7 ? -5.38928  -5.17628  5.43385  1.000 45.71071 ? 7   G   A N9    1 
ATOM   141 C C8    . G   A 1 7 ? -4.80977  -5.60727  4.26551  1.000 45.72207 ? 7   G   A C8    1 
ATOM   142 N N7    . G   A 1 7 ? -5.20304  -4.91876  3.22324  1.000 39.90025 ? 7   G   A N7    1 
ATOM   143 C C5    . G   A 1 7 ? -6.08814  -3.98098  3.73204  1.000 42.85651 ? 7   G   A C5    1 
ATOM   144 C C6    . G   A 1 7 ? -6.83725  -2.95226  3.06198  1.000 42.34338 ? 7   G   A C6    1 
ATOM   145 O O6    . G   A 1 7 ? -6.82683  -2.68729  1.84427  1.000 37.36062 ? 7   G   A O6    1 
ATOM   146 N N1    . G   A 1 7 ? -7.63562  -2.24090  3.96540  1.000 35.71882 ? 7   G   A N1    1 
ATOM   147 C C2    . G   A 1 7 ? -7.69028  -2.51561  5.33370  1.000 43.09481 ? 7   G   A C2    1 
ATOM   148 N N2    . G   A 1 7 ? -8.48784  -1.75991  6.09472  1.000 44.73590 ? 7   G   A N2    1 
ATOM   149 N N3    . G   A 1 7 ? -7.00731  -3.44912  5.96059  1.000 42.56202 ? 7   G   A N3    1 
ATOM   150 C C4    . G   A 1 7 ? -6.22825  -4.14356  5.10138  1.000 46.02609 ? 7   G   A C4    1 
ATOM   151 P P     . C   A 1 8 ? -8.08112  -9.57587  6.62125  1.000 62.45912 ? 8   C   A P     1 
ATOM   152 O OP1   . C   A 1 8 ? -8.53657  -10.70762 7.45368  1.000 63.71218 ? 8   C   A OP1   1 
ATOM   153 O OP2   . C   A 1 8 ? -7.77649  -9.97466  5.22968  1.000 56.75821 ? 8   C   A OP2   1 
ATOM   154 O "O5'" . C   A 1 8 ? -9.16244  -8.40188  6.71857  1.000 55.54532 ? 8   C   A "O5'" 1 
ATOM   155 C "C5'" . C   A 1 8 ? -9.44109  -7.82139  7.98579  1.000 47.43092 ? 8   C   A "C5'" 1 
ATOM   156 C "C4'" . C   A 1 8 ? -10.41069 -6.67747  7.89531  1.000 47.89675 ? 8   C   A "C4'" 1 
ATOM   157 O "O4'" . C   A 1 8 ? -9.78634  -5.54931  7.23606  1.000 51.51302 ? 8   C   A "O4'" 1 
ATOM   158 C "C3'" . C   A 1 8 ? -11.67636 -6.93015  7.08306  1.000 50.85134 ? 8   C   A "C3'" 1 
ATOM   159 O "O3'" . C   A 1 8 ? -12.67450 -7.64595  7.80109  1.000 46.67728 ? 8   C   A "O3'" 1 
ATOM   160 C "C2'" . C   A 1 8 ? -12.10765 -5.52122  6.69999  1.000 46.34430 ? 8   C   A "C2'" 1 
ATOM   161 O "O2'" . C   A 1 8 ? -12.75396 -4.89603  7.79414  1.000 46.56113 ? 8   C   A "O2'" 1 
ATOM   162 C "C1'" . C   A 1 8 ? -10.75682 -4.83491  6.48557  1.000 47.30826 ? 8   C   A "C1'" 1 
ATOM   163 N N1    . C   A 1 8 ? -10.36450 -4.77921  5.04822  1.000 41.18725 ? 8   C   A N1    1 
ATOM   164 C C2    . C   A 1 8 ? -11.02987 -3.80794  4.27122  1.000 44.12912 ? 8   C   A C2    1 
ATOM   165 O O2    . C   A 1 8 ? -11.89024 -3.08139  4.81524  1.000 46.58769 ? 8   C   A O2    1 
ATOM   166 N N3    . C   A 1 8 ? -10.73581 -3.68291  2.95178  1.000 41.83224 ? 8   C   A N3    1 
ATOM   167 C C4    . C   A 1 8 ? -9.80007  -4.48261  2.41198  1.000 45.04498 ? 8   C   A C4    1 
ATOM   168 N N4    . C   A 1 8 ? -9.57391  -4.30475  1.10474  1.000 43.08413 ? 8   C   A N4    1 
ATOM   169 C C5    . C   A 1 8 ? -9.08426  -5.48018  3.17796  1.000 39.17615 ? 8   C   A C5    1 
ATOM   170 C C6    . C   A 1 8 ? -9.40343  -5.58380  4.47987  1.000 38.47374 ? 8   C   A C6    1 
HETATM 171 N N1    . J4H B 2 . ? 3.77318   4.77271   0.07979  1.000 47.00467 ? 101 J4H A N1    1 
HETATM 172 C C2    . J4H B 2 . ? 2.59997   5.27969   -0.49954 1.000 43.52156 ? 101 J4H A C2    1 
HETATM 173 O O2    . J4H B 2 . ? 3.33337   1.45228   6.74690  1.000 39.78094 ? 101 J4H A O2    1 
HETATM 174 N N3    . J4H B 2 . ? -2.47139  6.69202   2.65055  1.000 38.73368 ? 101 J4H A N3    1 
HETATM 175 C C4    . J4H B 2 . ? 0.26610   6.36088   -1.41112 1.000 41.11893 ? 101 J4H A C4    1 
HETATM 176 O O4    . J4H B 2 . ? 5.64923   3.69536   0.50806  1.000 44.64140 ? 101 J4H A O4    1 
HETATM 177 N N5    . J4H B 2 . ? 1.88095   2.10450   5.08893  1.000 40.66408 ? 101 J4H A N5    1 
HETATM 178 C C6    . J4H B 2 . ? -1.80091  7.39979   -0.78542 1.000 37.84227 ? 101 J4H A C6    1 
HETATM 179 C C1    . J4H B 2 . ? 4.90656   4.26908   -0.46945 1.000 46.66657 ? 101 J4H A C1    1 
HETATM 180 C C10   . J4H B 2 . ? -2.14127  6.30530   5.02286  1.000 42.22983 ? 101 J4H A C10   1 
HETATM 181 C C11   . J4H B 2 . ? -0.66867  4.57344   5.44481  1.000 43.04679 ? 101 J4H A C11   1 
HETATM 182 C C12   . J4H B 2 . ? -0.76309  4.77999   6.83761  1.000 40.55047 ? 101 J4H A C12   1 
HETATM 183 C C13   . J4H B 2 . ? -1.64267  5.79074   7.28763  1.000 42.40260 ? 101 J4H A C13   1 
HETATM 184 C C14   . J4H B 2 . ? -2.31960  6.54937   6.38664  1.000 40.27069 ? 101 J4H A C14   1 
HETATM 185 C C15   . J4H B 2 . ? 0.08324   4.01688   7.66435  1.000 45.46840 ? 101 J4H A C15   1 
HETATM 186 C C16   . J4H B 2 . ? 0.95963   3.13039   7.12145  1.000 44.60773 ? 101 J4H A C16   1 
HETATM 187 C C17   . J4H B 2 . ? 0.98150   2.98405   5.72448  1.000 42.21496 ? 101 J4H A C17   1 
HETATM 188 C C18   . J4H B 2 . ? 2.91782   1.38624   5.60804  1.000 43.09026 ? 101 J4H A C18   1 
HETATM 189 C C19   . J4H B 2 . ? 4.61668   -0.18103  5.07522  1.000 36.00953 ? 101 J4H A C19   1 
HETATM 190 C C20   . J4H B 2 . ? 5.41199   -0.65555  3.89058  1.000 39.16664 ? 101 J4H A C20   1 
HETATM 191 C C21   . J4H B 2 . ? 6.43691   0.34965   3.41000  1.000 42.68220 ? 101 J4H A C21   1 
HETATM 192 C C22   . J4H B 2 . ? 6.92353   0.68850   1.04109  1.000 42.71173 ? 101 J4H A C22   1 
HETATM 193 C C23   . J4H B 2 . ? 6.66772   1.58338   -0.16437 1.000 44.66674 ? 101 J4H A C23   1 
HETATM 194 C C24   . J4H B 2 . ? 6.89574   3.06704   0.07902  1.000 45.34405 ? 101 J4H A C24   1 
HETATM 195 C C25   . J4H B 2 . ? 1.19558   5.82466   -2.32426 1.000 41.74620 ? 101 J4H A C25   1 
HETATM 196 C C26   . J4H B 2 . ? 2.36626   5.29983   -1.88241 1.000 41.78091 ? 101 J4H A C26   1 
HETATM 197 C C3    . J4H B 2 . ? 0.58953   6.29453   -0.03964 1.000 42.09431 ? 101 J4H A C3    1 
HETATM 198 C C5    . J4H B 2 . ? -0.97084  6.94070   -1.75824 1.000 39.15554 ? 101 J4H A C5    1 
HETATM 199 C C7    . J4H B 2 . ? -1.40957  7.29090   0.54863  1.000 43.36191 ? 101 J4H A C7    1 
HETATM 200 C C8    . J4H B 2 . ? -2.30965  7.75264   1.66077  1.000 37.47646 ? 101 J4H A C8    1 
HETATM 201 C C9    . J4H B 2 . ? -2.71032  7.22963   3.98318  1.000 41.10194 ? 101 J4H A C9    1 
HETATM 202 N N2    . J4H B 2 . ? 1.75633   5.76005   0.40234  1.000 43.45797 ? 101 J4H A N2    1 
HETATM 203 N N4    . J4H B 2 . ? -1.37885  5.32392   4.54588  1.000 40.95032 ? 101 J4H A N4    1 
HETATM 204 N N6    . J4H B 2 . ? 0.19869   3.66820   4.90085  1.000 44.28823 ? 101 J4H A N6    1 
HETATM 205 N N7    . J4H B 2 . ? -0.25012  6.75898   0.93204  1.000 42.75069 ? 101 J4H A N7    1 
HETATM 206 N N8    . J4H B 2 . ? 6.03507   0.99333   2.16125  1.000 45.18955 ? 101 J4H A N8    1 
HETATM 207 O O1    . J4H B 2 . ? 5.22576   4.33161   -1.64069 1.000 45.79866 ? 101 J4H A O1    1 
HETATM 208 O O3    . J4H B 2 . ? 3.48262   0.62671   4.63749  1.000 45.57179 ? 101 J4H A O3    1 
HETATM 209 O O     . HOH C 3 . ? -1.90798  -4.05144  -1.58209 1.000 32.77046 ? 201 HOH A O     1 
# 
